data_7RHW
#
_entry.id   7RHW
#
_cell.length_a   67.379
_cell.length_b   83.290
_cell.length_c   84.161
_cell.angle_alpha   90.000
_cell.angle_beta   97.450
_cell.angle_gamma   90.000
#
_symmetry.space_group_name_H-M   'P 1 21 1'
#
loop_
_entity.id
_entity.type
_entity.pdbx_description
1 polymer Enolase
2 non-polymer '2-PHOSPHOGLYCERIC ACID'
3 non-polymer 'MAGNESIUM ION'
4 water water
#
_entity_poly.entity_id   1
_entity_poly.type   'polypeptide(L)'
_entity_poly.pdbx_seq_one_letter_code
;MAHHHHHHGSMPISKIHARSVYDSRGNPTVEVDVVTETGLHRAIVPSGASTGQHEAHELRDGDKTQWGGKGVLKAVKNVN
ETIGPALIKENIDVKDQSKVDEFLNKLDGTANKSNLGANAILGVSLAVAKAGAAEKGVPLYAHISDLAGTKKPYVLPVPF
QNVLNGGSHAGGRLAFQEFMIVPDSAPSFSEALRQGAEVYQKLKALAKKKYGQSAGNVGDEGGVAPDIQTAEEALDLITE
AIEQAGYTGKIKIAMDVASSEFYKADVKKYDLDFKNPESDPSKWLTYEQLADLYKSLAAKYPIVSIEDPFAEDDWEAWSY
FYKTSDFQIVGDDLTVTNPGRIKKAIELKSCNALLLKVNQIGTLTESIQAAKDSYADNWGVMVSHRSGETEDVTIADIAV
GLRSGQIKTGAPCRSERLAKLNQILRIEEELGENAVYAGSKFRTAVNL
;
_entity_poly.pdbx_strand_id   A,B
#
# COMPACT_ATOMS: atom_id res chain seq x y z
N PRO A 12 30.65 6.71 -12.81
CA PRO A 12 30.22 6.04 -14.04
C PRO A 12 28.99 5.15 -13.83
N ILE A 13 27.87 5.56 -14.41
CA ILE A 13 26.65 4.75 -14.36
C ILE A 13 26.81 3.55 -15.29
N SER A 14 26.54 2.36 -14.78
CA SER A 14 26.69 1.16 -15.59
C SER A 14 25.40 0.76 -16.29
N LYS A 15 24.24 1.14 -15.76
CA LYS A 15 22.97 0.74 -16.34
C LYS A 15 21.87 1.68 -15.86
N ILE A 16 20.98 2.05 -16.78
CA ILE A 16 19.76 2.77 -16.47
C ILE A 16 18.63 2.06 -17.20
N HIS A 17 17.69 1.52 -16.44
CA HIS A 17 16.61 0.72 -17.02
C HIS A 17 15.29 1.07 -16.34
N ALA A 18 14.25 1.26 -17.15
CA ALA A 18 12.92 1.54 -16.64
C ALA A 18 11.99 0.38 -16.96
N ARG A 19 10.99 0.19 -16.10
CA ARG A 19 9.92 -0.76 -16.35
C ARG A 19 8.61 -0.15 -15.91
N SER A 20 7.52 -0.79 -16.31
CA SER A 20 6.19 -0.44 -15.83
C SER A 20 5.88 -1.27 -14.59
N VAL A 21 5.35 -0.59 -13.55
CA VAL A 21 4.84 -1.22 -12.34
C VAL A 21 3.48 -0.58 -12.05
N TYR A 22 2.80 -1.09 -11.03
CA TYR A 22 1.45 -0.65 -10.72
C TYR A 22 1.45 0.22 -9.46
N ASP A 23 0.72 1.34 -9.51
CA ASP A 23 0.57 2.21 -8.37
C ASP A 23 -0.61 1.73 -7.53
N SER A 24 -0.90 2.45 -6.45
CA SER A 24 -1.85 1.98 -5.43
C SER A 24 -3.29 2.00 -5.91
N ARG A 25 -3.59 2.63 -7.03
CA ARG A 25 -4.93 2.55 -7.63
C ARG A 25 -5.03 1.47 -8.69
N GLY A 26 -3.93 0.78 -9.00
CA GLY A 26 -3.93 -0.21 -10.04
C GLY A 26 -3.59 0.29 -11.42
N ASN A 27 -3.01 1.48 -11.52
CA ASN A 27 -2.63 2.04 -12.80
C ASN A 27 -1.12 1.94 -12.99
N PRO A 28 -0.68 1.81 -14.24
CA PRO A 28 0.76 1.74 -14.51
C PRO A 28 1.47 3.03 -14.13
N THR A 29 2.73 2.89 -13.75
CA THR A 29 3.61 4.04 -13.57
C THR A 29 5.03 3.58 -13.83
N VAL A 30 5.96 4.52 -13.79
CA VAL A 30 7.34 4.30 -14.21
C VAL A 30 8.18 3.99 -12.99
N GLU A 31 8.94 2.91 -13.06
CA GLU A 31 10.00 2.61 -12.11
C GLU A 31 11.32 2.59 -12.86
N VAL A 32 12.36 3.16 -12.26
CA VAL A 32 13.65 3.32 -12.92
C VAL A 32 14.74 2.76 -12.03
N ASP A 33 15.62 1.95 -12.61
CA ASP A 33 16.82 1.46 -11.94
C ASP A 33 18.04 2.21 -12.47
N VAL A 34 18.90 2.62 -11.55
CA VAL A 34 20.22 3.18 -11.88
C VAL A 34 21.26 2.37 -11.11
N VAL A 35 22.21 1.78 -11.84
CA VAL A 35 23.19 0.87 -11.27
C VAL A 35 24.56 1.52 -11.32
N THR A 36 25.24 1.56 -10.20
CA THR A 36 26.56 2.19 -10.09
C THR A 36 27.47 1.21 -9.36
N GLU A 37 28.64 1.72 -8.94
CA GLU A 37 29.56 0.93 -8.12
C GLU A 37 28.90 0.45 -6.82
N THR A 38 28.00 1.25 -6.26
CA THR A 38 27.38 0.94 -4.98
C THR A 38 26.16 0.03 -5.10
N GLY A 39 25.82 -0.40 -6.30
CA GLY A 39 24.73 -1.32 -6.50
C GLY A 39 23.55 -0.68 -7.21
N LEU A 40 22.39 -1.30 -7.03
CA LEU A 40 21.18 -0.87 -7.70
C LEU A 40 20.46 0.19 -6.86
N HIS A 41 19.99 1.23 -7.53
CA HIS A 41 19.23 2.29 -6.91
C HIS A 41 17.96 2.49 -7.72
N ARG A 42 16.82 2.51 -7.04
CA ARG A 42 15.52 2.38 -7.68
C ARG A 42 14.57 3.45 -7.16
N ALA A 43 13.72 3.97 -8.05
CA ALA A 43 12.72 4.93 -7.67
C ALA A 43 11.48 4.72 -8.51
N ILE A 44 10.31 4.95 -7.92
CA ILE A 44 9.03 4.82 -8.61
C ILE A 44 8.34 6.17 -8.59
N VAL A 45 7.76 6.54 -9.73
CA VAL A 45 7.10 7.83 -9.89
C VAL A 45 5.65 7.70 -9.44
N PRO A 46 5.14 8.65 -8.65
CA PRO A 46 3.73 8.60 -8.25
C PRO A 46 2.84 9.18 -9.34
N SER A 47 1.54 9.21 -9.06
CA SER A 47 0.58 9.71 -10.03
C SER A 47 -0.62 10.33 -9.32
N GLY A 48 -0.99 11.55 -9.71
CA GLY A 48 -2.09 12.22 -9.06
C GLY A 48 -3.44 11.89 -9.69
N ALA A 49 -4.51 12.20 -8.93
CA ALA A 49 -5.88 12.16 -9.43
C ALA A 49 -6.42 13.57 -9.62
N SER A 50 -6.51 14.34 -8.54
CA SER A 50 -6.85 15.76 -8.65
C SER A 50 -5.60 16.54 -9.06
N THR A 51 -5.22 16.34 -10.32
CA THR A 51 -4.04 16.96 -10.87
C THR A 51 -4.35 18.38 -11.34
N GLY A 52 -3.45 19.33 -11.02
CA GLY A 52 -3.64 20.69 -11.44
C GLY A 52 -3.31 20.89 -12.91
N GLN A 53 -3.92 21.92 -13.50
CA GLN A 53 -3.72 22.19 -14.92
C GLN A 53 -2.26 22.54 -15.23
N HIS A 54 -1.53 23.11 -14.28
CA HIS A 54 -0.19 23.61 -14.53
C HIS A 54 0.92 22.63 -14.15
N GLU A 55 0.56 21.39 -13.79
CA GLU A 55 1.57 20.40 -13.44
C GLU A 55 2.40 20.03 -14.66
N ALA A 56 3.64 19.61 -14.41
CA ALA A 56 4.48 19.04 -15.46
C ALA A 56 3.77 17.85 -16.11
N HIS A 57 4.05 17.66 -17.40
CA HIS A 57 3.25 16.77 -18.25
C HIS A 57 3.60 15.31 -17.99
N GLU A 58 2.63 14.54 -17.50
CA GLU A 58 2.78 13.10 -17.31
C GLU A 58 2.47 12.39 -18.63
N LEU A 59 3.44 11.63 -19.15
CA LEU A 59 3.31 10.99 -20.45
C LEU A 59 2.58 9.65 -20.30
N ARG A 60 1.39 9.56 -20.87
CA ARG A 60 0.60 8.34 -20.93
C ARG A 60 0.50 7.84 -22.37
N ASP A 61 0.28 6.54 -22.51
CA ASP A 61 0.25 5.93 -23.85
C ASP A 61 -1.01 6.31 -24.61
N GLY A 62 -2.14 6.44 -23.93
CA GLY A 62 -3.37 6.77 -24.62
C GLY A 62 -3.92 5.69 -25.50
N ASP A 63 -3.44 4.44 -25.35
CA ASP A 63 -3.98 3.30 -26.10
C ASP A 63 -5.17 2.77 -25.31
N LYS A 64 -6.39 3.09 -25.77
CA LYS A 64 -7.56 2.75 -24.97
C LYS A 64 -7.77 1.26 -24.79
N THR A 65 -7.05 0.40 -25.52
CA THR A 65 -7.18 -1.04 -25.32
C THR A 65 -6.23 -1.57 -24.26
N GLN A 66 -5.37 -0.73 -23.68
CA GLN A 66 -4.38 -1.17 -22.71
C GLN A 66 -4.44 -0.25 -21.50
N TRP A 67 -4.85 -0.81 -20.35
CA TRP A 67 -4.95 -0.06 -19.09
C TRP A 67 -5.88 1.14 -19.22
N GLY A 68 -6.89 1.03 -20.07
CA GLY A 68 -7.79 2.16 -20.29
C GLY A 68 -7.10 3.41 -20.78
N GLY A 69 -5.98 3.25 -21.51
CA GLY A 69 -5.24 4.37 -22.02
C GLY A 69 -4.16 4.89 -21.11
N LYS A 70 -3.95 4.27 -19.94
CA LYS A 70 -3.04 4.81 -18.93
C LYS A 70 -1.69 4.12 -18.93
N GLY A 71 -1.31 3.46 -20.03
CA GLY A 71 0.00 2.85 -20.11
C GLY A 71 1.12 3.88 -20.02
N VAL A 72 2.28 3.40 -19.59
CA VAL A 72 3.48 4.23 -19.54
C VAL A 72 4.61 3.62 -20.36
N LEU A 73 4.27 2.78 -21.35
CA LEU A 73 5.30 2.14 -22.17
C LEU A 73 6.13 3.16 -22.91
N LYS A 74 5.50 4.25 -23.37
CA LYS A 74 6.24 5.28 -24.10
C LYS A 74 7.19 6.03 -23.17
N ALA A 75 6.73 6.37 -21.96
CA ALA A 75 7.63 6.98 -20.97
C ALA A 75 8.77 6.04 -20.61
N VAL A 76 8.46 4.76 -20.40
CA VAL A 76 9.49 3.77 -20.09
C VAL A 76 10.49 3.67 -21.23
N LYS A 77 10.00 3.63 -22.47
CA LYS A 77 10.88 3.61 -23.64
C LYS A 77 11.79 4.83 -23.68
N ASN A 78 11.26 6.01 -23.32
CA ASN A 78 12.09 7.22 -23.33
C ASN A 78 13.27 7.10 -22.36
N VAL A 79 13.05 6.46 -21.21
CA VAL A 79 14.15 6.23 -20.28
C VAL A 79 15.13 5.21 -20.88
N ASN A 80 14.62 4.11 -21.41
CA ASN A 80 15.49 3.02 -21.86
C ASN A 80 16.23 3.38 -23.14
N GLU A 81 15.57 4.08 -24.06
CA GLU A 81 16.15 4.35 -25.37
C GLU A 81 16.83 5.70 -25.49
N THR A 82 16.33 6.73 -24.81
CA THR A 82 16.83 8.09 -24.98
C THR A 82 17.55 8.60 -23.74
N ILE A 83 16.87 8.69 -22.61
CA ILE A 83 17.45 9.32 -21.42
C ILE A 83 18.62 8.50 -20.89
N GLY A 84 18.41 7.21 -20.69
CA GLY A 84 19.40 6.34 -20.12
C GLY A 84 20.75 6.37 -20.83
N PRO A 85 20.76 6.01 -22.11
CA PRO A 85 22.03 6.05 -22.86
C PRO A 85 22.66 7.43 -22.94
N ALA A 86 21.86 8.49 -22.98
CA ALA A 86 22.43 9.84 -23.05
C ALA A 86 23.06 10.23 -21.72
N LEU A 87 22.46 9.81 -20.59
CA LEU A 87 23.01 10.16 -19.29
C LEU A 87 24.30 9.38 -19.01
N ILE A 88 24.33 8.11 -19.41
CA ILE A 88 25.55 7.32 -19.25
C ILE A 88 26.69 7.93 -20.03
N LYS A 89 26.43 8.28 -21.30
CA LYS A 89 27.46 8.85 -22.16
C LYS A 89 27.92 10.22 -21.66
N GLU A 90 27.02 11.00 -21.07
CA GLU A 90 27.41 12.32 -20.54
C GLU A 90 28.37 12.20 -19.37
N ASN A 91 28.35 11.07 -18.65
CA ASN A 91 29.30 10.80 -17.57
C ASN A 91 29.30 11.90 -16.51
N ILE A 92 28.12 12.18 -15.98
CA ILE A 92 27.96 13.13 -14.88
C ILE A 92 28.07 12.39 -13.57
N ASP A 93 28.84 12.96 -12.64
CA ASP A 93 28.93 12.40 -11.29
C ASP A 93 27.55 12.32 -10.67
N VAL A 94 27.18 11.15 -10.16
CA VAL A 94 25.80 10.93 -9.72
C VAL A 94 25.45 11.77 -8.49
N LYS A 95 26.43 12.24 -7.72
CA LYS A 95 26.07 13.07 -6.57
C LYS A 95 25.86 14.53 -6.95
N ASP A 96 26.22 14.94 -8.17
CA ASP A 96 25.93 16.30 -8.64
C ASP A 96 24.53 16.29 -9.23
N GLN A 97 23.54 16.36 -8.32
CA GLN A 97 22.14 16.26 -8.72
C GLN A 97 21.74 17.41 -9.64
N SER A 98 22.24 18.62 -9.37
CA SER A 98 21.88 19.77 -10.21
C SER A 98 22.32 19.55 -11.65
N LYS A 99 23.54 19.06 -11.85
CA LYS A 99 24.02 18.82 -13.22
C LYS A 99 23.21 17.74 -13.90
N VAL A 100 22.83 16.69 -13.16
CA VAL A 100 21.99 15.63 -13.72
C VAL A 100 20.65 16.21 -14.17
N ASP A 101 19.98 16.93 -13.26
CA ASP A 101 18.66 17.46 -13.60
C ASP A 101 18.76 18.57 -14.64
N GLU A 102 19.86 19.32 -14.66
CA GLU A 102 20.10 20.24 -15.77
C GLU A 102 20.18 19.47 -17.09
N PHE A 103 20.87 18.32 -17.08
CA PHE A 103 21.00 17.52 -18.30
C PHE A 103 19.68 16.88 -18.71
N LEU A 104 18.90 16.39 -17.73
CA LEU A 104 17.62 15.77 -18.05
C LEU A 104 16.66 16.78 -18.68
N ASN A 105 16.69 18.02 -18.21
CA ASN A 105 15.81 19.04 -18.77
C ASN A 105 16.29 19.48 -20.15
N LYS A 106 17.61 19.54 -20.35
CA LYS A 106 18.14 19.85 -21.68
C LYS A 106 17.73 18.78 -22.68
N LEU A 107 17.76 17.51 -22.26
CA LEU A 107 17.33 16.41 -23.13
C LEU A 107 15.87 16.56 -23.53
N ASP A 108 15.02 16.96 -22.59
CA ASP A 108 13.60 17.13 -22.89
C ASP A 108 13.37 18.40 -23.70
N GLY A 109 13.99 19.50 -23.27
CA GLY A 109 13.98 20.74 -24.03
C GLY A 109 12.68 21.52 -24.00
N THR A 110 11.68 21.08 -23.24
CA THR A 110 10.41 21.79 -23.15
C THR A 110 10.16 22.21 -21.71
N ALA A 111 9.25 23.17 -21.55
CA ALA A 111 8.98 23.75 -20.24
C ALA A 111 8.22 22.77 -19.36
N ASN A 112 7.15 22.17 -19.89
CA ASN A 112 6.30 21.27 -19.13
C ASN A 112 6.74 19.81 -19.20
N LYS A 113 7.94 19.55 -19.74
CA LYS A 113 8.46 18.19 -19.89
C LYS A 113 7.50 17.32 -20.72
N SER A 114 6.86 17.92 -21.72
CA SER A 114 5.93 17.21 -22.60
C SER A 114 6.65 16.42 -23.68
N ASN A 115 7.95 16.60 -23.85
CA ASN A 115 8.70 15.84 -24.86
C ASN A 115 8.93 14.41 -24.40
N LEU A 116 9.76 14.24 -23.37
CA LEU A 116 10.10 12.91 -22.87
C LEU A 116 9.17 12.44 -21.76
N GLY A 117 8.39 13.35 -21.17
CA GLY A 117 7.48 12.96 -20.10
C GLY A 117 8.06 13.25 -18.73
N ALA A 118 7.31 13.99 -17.91
CA ALA A 118 7.77 14.29 -16.56
C ALA A 118 7.93 13.01 -15.74
N ASN A 119 7.13 11.98 -16.01
CA ASN A 119 7.27 10.74 -15.27
C ASN A 119 8.53 9.98 -15.72
N ALA A 120 8.91 10.09 -16.98
CA ALA A 120 10.19 9.53 -17.40
C ALA A 120 11.36 10.26 -16.75
N ILE A 121 11.28 11.59 -16.68
CA ILE A 121 12.41 12.37 -16.18
C ILE A 121 12.56 12.18 -14.68
N LEU A 122 11.44 12.24 -13.93
CA LEU A 122 11.52 12.19 -12.48
C LEU A 122 12.11 10.86 -12.00
N GLY A 123 11.73 9.76 -12.63
CA GLY A 123 12.24 8.46 -12.20
C GLY A 123 13.75 8.38 -12.30
N VAL A 124 14.33 8.91 -13.38
CA VAL A 124 15.78 8.97 -13.47
C VAL A 124 16.34 9.92 -12.41
N SER A 125 15.70 11.06 -12.24
CA SER A 125 16.18 12.05 -11.28
C SER A 125 16.26 11.48 -9.87
N LEU A 126 15.20 10.78 -9.43
CA LEU A 126 15.17 10.28 -8.06
C LEU A 126 16.08 9.06 -7.90
N ALA A 127 16.17 8.21 -8.92
CA ALA A 127 17.04 7.05 -8.83
C ALA A 127 18.51 7.49 -8.81
N VAL A 128 18.86 8.51 -9.60
CA VAL A 128 20.21 9.05 -9.57
C VAL A 128 20.49 9.70 -8.21
N ALA A 129 19.48 10.35 -7.63
CA ALA A 129 19.66 10.94 -6.30
C ALA A 129 20.01 9.89 -5.26
N LYS A 130 19.37 8.73 -5.33
CA LYS A 130 19.74 7.65 -4.43
C LYS A 130 21.13 7.12 -4.74
N ALA A 131 21.51 7.11 -6.02
CA ALA A 131 22.88 6.74 -6.39
C ALA A 131 23.88 7.76 -5.87
N GLY A 132 23.55 9.05 -5.97
CA GLY A 132 24.44 10.07 -5.44
C GLY A 132 24.59 9.99 -3.94
N ALA A 133 23.50 9.74 -3.23
CA ALA A 133 23.58 9.54 -1.79
C ALA A 133 24.48 8.36 -1.45
N ALA A 134 24.38 7.27 -2.22
CA ALA A 134 25.13 6.07 -1.90
C ALA A 134 26.62 6.25 -2.18
N GLU A 135 26.96 6.99 -3.23
CA GLU A 135 28.37 7.31 -3.47
C GLU A 135 28.95 8.14 -2.33
N LYS A 136 28.12 8.99 -1.71
CA LYS A 136 28.57 9.74 -0.54
C LYS A 136 28.66 8.86 0.70
N GLY A 137 28.03 7.69 0.70
CA GLY A 137 27.99 6.87 1.89
C GLY A 137 27.04 7.36 2.95
N VAL A 138 26.04 8.14 2.57
CA VAL A 138 25.07 8.68 3.53
C VAL A 138 23.68 8.28 3.06
N PRO A 139 22.70 8.29 3.97
CA PRO A 139 21.31 8.06 3.54
C PRO A 139 20.82 9.20 2.67
N LEU A 140 19.73 8.94 1.95
CA LEU A 140 19.22 9.94 1.00
C LEU A 140 18.86 11.25 1.71
N TYR A 141 18.28 11.17 2.91
CA TYR A 141 17.87 12.41 3.58
C TYR A 141 19.07 13.29 3.89
N ALA A 142 20.21 12.68 4.22
CA ALA A 142 21.42 13.47 4.46
C ALA A 142 21.93 14.09 3.17
N HIS A 143 21.86 13.35 2.07
CA HIS A 143 22.27 13.87 0.77
C HIS A 143 21.36 15.00 0.32
N ILE A 144 20.06 14.89 0.58
CA ILE A 144 19.14 15.97 0.21
C ILE A 144 19.39 17.18 1.09
N SER A 145 19.73 16.97 2.36
CA SER A 145 20.09 18.09 3.22
C SER A 145 21.29 18.84 2.68
N ASP A 146 22.29 18.10 2.18
CA ASP A 146 23.41 18.75 1.50
C ASP A 146 22.94 19.55 0.31
N LEU A 147 22.08 18.95 -0.53
CA LEU A 147 21.62 19.64 -1.73
C LEU A 147 20.78 20.86 -1.40
N ALA A 148 19.98 20.78 -0.34
CA ALA A 148 19.09 21.89 0.00
C ALA A 148 19.74 22.91 0.92
N GLY A 149 20.90 22.60 1.49
CA GLY A 149 21.55 23.52 2.39
C GLY A 149 20.88 23.66 3.74
N THR A 150 20.18 22.62 4.19
CA THR A 150 19.46 22.70 5.45
C THR A 150 20.36 22.30 6.61
N LYS A 151 20.15 22.95 7.75
CA LYS A 151 21.04 22.80 8.89
C LYS A 151 20.67 21.58 9.72
N LYS A 152 21.56 21.23 10.63
CA LYS A 152 21.41 20.18 11.62
C LYS A 152 20.97 20.79 12.94
N PRO A 153 20.40 19.99 13.86
CA PRO A 153 20.04 18.57 13.71
C PRO A 153 18.89 18.37 12.74
N TYR A 154 18.70 17.13 12.30
CA TYR A 154 17.60 16.82 11.41
C TYR A 154 16.27 17.02 12.11
N VAL A 155 15.27 17.39 11.34
CA VAL A 155 13.91 17.61 11.85
C VAL A 155 13.00 16.58 11.21
N LEU A 156 12.32 15.80 12.05
CA LEU A 156 11.35 14.82 11.58
C LEU A 156 9.99 15.49 11.42
N PRO A 157 9.25 15.16 10.37
CA PRO A 157 8.05 15.93 10.03
C PRO A 157 6.83 15.51 10.83
N VAL A 158 5.97 16.48 11.09
CA VAL A 158 4.64 16.20 11.62
C VAL A 158 3.86 15.50 10.51
N PRO A 159 3.33 14.31 10.76
CA PRO A 159 2.53 13.61 9.74
C PRO A 159 1.11 14.14 9.73
N PHE A 160 0.76 14.82 8.64
CA PHE A 160 -0.61 15.25 8.40
C PHE A 160 -1.39 14.09 7.80
N GLN A 161 -2.30 13.51 8.57
CA GLN A 161 -2.87 12.21 8.25
C GLN A 161 -4.30 12.37 7.80
N ASN A 162 -4.55 12.09 6.52
CA ASN A 162 -5.85 12.23 5.87
C ASN A 162 -6.72 11.03 6.23
N VAL A 163 -7.32 11.09 7.43
CA VAL A 163 -8.09 9.97 7.97
C VAL A 163 -9.53 9.94 7.49
N LEU A 164 -10.00 10.96 6.80
CA LEU A 164 -11.37 11.00 6.31
C LEU A 164 -11.33 11.60 4.91
N ASN A 165 -11.59 10.77 3.89
CA ASN A 165 -11.40 11.14 2.50
C ASN A 165 -12.71 11.64 1.88
N GLY A 166 -12.61 12.67 1.05
CA GLY A 166 -13.74 13.15 0.29
C GLY A 166 -13.31 13.48 -1.12
N GLY A 167 -14.02 14.38 -1.79
CA GLY A 167 -13.53 14.87 -3.08
C GLY A 167 -13.34 13.75 -4.09
N SER A 168 -12.33 13.92 -4.96
CA SER A 168 -12.05 12.95 -6.01
C SER A 168 -11.30 11.71 -5.51
N HIS A 169 -11.05 11.61 -4.21
CA HIS A 169 -10.32 10.47 -3.66
C HIS A 169 -11.23 9.37 -3.14
N ALA A 170 -12.54 9.62 -3.06
CA ALA A 170 -13.46 8.64 -2.48
C ALA A 170 -14.86 8.86 -3.04
N GLY A 171 -15.71 7.85 -2.86
CA GLY A 171 -17.08 7.93 -3.32
C GLY A 171 -17.99 8.38 -2.19
N GLY A 172 -18.79 9.41 -2.48
CA GLY A 172 -19.67 9.97 -1.47
C GLY A 172 -20.13 11.35 -1.89
N ARG A 173 -20.70 12.07 -0.93
CA ARG A 173 -21.24 13.40 -1.16
C ARG A 173 -20.39 14.51 -0.54
N LEU A 174 -19.20 14.19 -0.04
CA LEU A 174 -18.38 15.15 0.68
C LEU A 174 -17.50 15.91 -0.31
N ALA A 175 -17.70 17.23 -0.40
CA ALA A 175 -17.00 18.03 -1.39
C ALA A 175 -15.52 18.21 -1.02
N PHE A 176 -15.24 18.59 0.23
CA PHE A 176 -13.87 18.79 0.64
C PHE A 176 -13.10 17.48 0.52
N GLN A 177 -11.90 17.56 -0.03
CA GLN A 177 -11.18 16.35 -0.40
C GLN A 177 -10.58 15.63 0.80
N GLU A 178 -9.95 16.36 1.72
CA GLU A 178 -9.15 15.73 2.76
C GLU A 178 -9.42 16.37 4.11
N PHE A 179 -9.66 15.54 5.11
CA PHE A 179 -9.75 15.96 6.51
C PHE A 179 -8.65 15.24 7.29
N MET A 180 -7.69 16.00 7.80
CA MET A 180 -6.48 15.45 8.38
C MET A 180 -6.41 15.72 9.87
N ILE A 181 -5.83 14.77 10.60
CA ILE A 181 -5.42 15.00 11.97
C ILE A 181 -3.95 15.36 11.98
N VAL A 182 -3.54 16.15 12.96
CA VAL A 182 -2.21 16.74 13.01
C VAL A 182 -1.64 16.51 14.41
N PRO A 183 -0.96 15.39 14.65
CA PRO A 183 -0.40 15.14 15.99
C PRO A 183 0.89 15.92 16.23
N ASP A 184 0.74 17.23 16.47
CA ASP A 184 1.90 18.09 16.64
C ASP A 184 2.34 18.22 18.10
N SER A 185 1.47 17.92 19.07
CA SER A 185 1.86 18.01 20.47
C SER A 185 2.74 16.84 20.93
N ALA A 186 2.77 15.76 20.17
CA ALA A 186 3.47 14.56 20.61
C ALA A 186 4.96 14.83 20.81
N PRO A 187 5.58 14.19 21.80
CA PRO A 187 7.00 14.46 22.08
C PRO A 187 7.94 13.88 21.04
N SER A 188 7.48 12.98 20.18
CA SER A 188 8.34 12.35 19.19
C SER A 188 7.51 12.00 17.96
N PHE A 189 8.21 11.71 16.87
CA PHE A 189 7.52 11.23 15.68
C PHE A 189 6.85 9.88 15.94
N SER A 190 7.56 8.98 16.63
CA SER A 190 7.00 7.67 16.94
C SER A 190 5.71 7.79 17.74
N GLU A 191 5.67 8.70 18.73
CA GLU A 191 4.46 8.87 19.51
C GLU A 191 3.37 9.55 18.70
N ALA A 192 3.73 10.52 17.85
CA ALA A 192 2.74 11.11 16.96
C ALA A 192 2.07 10.05 16.10
N LEU A 193 2.84 9.09 15.60
CA LEU A 193 2.28 8.04 14.76
C LEU A 193 1.32 7.15 15.56
N ARG A 194 1.71 6.76 16.77
CA ARG A 194 0.82 5.96 17.60
C ARG A 194 -0.48 6.70 17.87
N GLN A 195 -0.38 8.00 18.20
CA GLN A 195 -1.58 8.79 18.46
C GLN A 195 -2.51 8.80 17.25
N GLY A 196 -1.94 9.05 16.07
CA GLY A 196 -2.75 9.06 14.87
C GLY A 196 -3.36 7.70 14.57
N ALA A 197 -2.56 6.64 14.74
CA ALA A 197 -3.08 5.29 14.54
C ALA A 197 -4.23 4.99 15.49
N GLU A 198 -4.13 5.45 16.74
CA GLU A 198 -5.19 5.20 17.71
C GLU A 198 -6.44 6.03 17.38
N VAL A 199 -6.26 7.30 17.01
CA VAL A 199 -7.39 8.10 16.57
C VAL A 199 -8.05 7.46 15.36
N TYR A 200 -7.24 7.02 14.40
CA TYR A 200 -7.78 6.43 13.18
C TYR A 200 -8.66 5.22 13.49
N GLN A 201 -8.21 4.36 14.41
CA GLN A 201 -9.01 3.19 14.79
C GLN A 201 -10.31 3.60 15.46
N LYS A 202 -10.26 4.63 16.32
CA LYS A 202 -11.49 5.14 16.91
C LYS A 202 -12.42 5.70 15.83
N LEU A 203 -11.86 6.44 14.87
CA LEU A 203 -12.67 7.02 13.81
C LEU A 203 -13.31 5.94 12.95
N LYS A 204 -12.55 4.91 12.59
CA LYS A 204 -13.07 3.86 11.72
C LYS A 204 -14.25 3.14 12.39
N ALA A 205 -14.09 2.79 13.66
CA ALA A 205 -15.19 2.17 14.39
C ALA A 205 -16.38 3.12 14.53
N LEU A 206 -16.10 4.40 14.77
CA LEU A 206 -17.16 5.40 14.90
C LEU A 206 -17.91 5.58 13.58
N ALA A 207 -17.19 5.59 12.46
CA ALA A 207 -17.85 5.73 11.17
C ALA A 207 -18.75 4.55 10.87
N LYS A 208 -18.33 3.34 11.26
CA LYS A 208 -19.18 2.16 11.06
C LYS A 208 -20.42 2.23 11.93
N LYS A 209 -20.29 2.73 13.16
CA LYS A 209 -21.44 2.79 14.06
C LYS A 209 -22.47 3.81 13.59
N LYS A 210 -22.01 4.99 13.16
CA LYS A 210 -22.91 6.07 12.80
C LYS A 210 -23.42 5.99 11.37
N TYR A 211 -22.71 5.29 10.47
CA TYR A 211 -23.07 5.32 9.06
C TYR A 211 -23.06 3.96 8.40
N GLY A 212 -22.93 2.87 9.15
CA GLY A 212 -23.00 1.54 8.58
C GLY A 212 -21.62 0.95 8.32
N GLN A 213 -21.60 -0.38 8.12
CA GLN A 213 -20.35 -1.08 7.92
C GLN A 213 -19.60 -0.59 6.69
N SER A 214 -20.33 -0.17 5.64
CA SER A 214 -19.68 0.30 4.43
C SER A 214 -18.90 1.59 4.65
N ALA A 215 -19.22 2.37 5.68
CA ALA A 215 -18.50 3.61 5.95
C ALA A 215 -17.06 3.35 6.39
N GLY A 216 -16.75 2.11 6.80
CA GLY A 216 -15.40 1.72 7.18
C GLY A 216 -14.46 1.44 6.03
N ASN A 217 -14.99 1.24 4.82
CA ASN A 217 -14.13 1.13 3.65
C ASN A 217 -13.43 2.46 3.40
N VAL A 218 -12.32 2.40 2.67
CA VAL A 218 -11.40 3.53 2.62
C VAL A 218 -11.33 4.10 1.22
N GLY A 219 -10.95 5.38 1.15
CA GLY A 219 -10.68 6.04 -0.11
C GLY A 219 -9.27 5.75 -0.59
N ASP A 220 -8.87 6.52 -1.60
CA ASP A 220 -7.59 6.30 -2.26
C ASP A 220 -6.41 6.44 -1.30
N GLU A 221 -6.53 7.30 -0.29
CA GLU A 221 -5.43 7.60 0.62
C GLU A 221 -5.60 6.95 1.98
N GLY A 222 -6.54 6.00 2.13
CA GLY A 222 -6.66 5.22 3.34
C GLY A 222 -7.60 5.76 4.39
N GLY A 223 -8.24 6.89 4.13
CA GLY A 223 -9.18 7.45 5.08
C GLY A 223 -10.56 6.85 4.89
N VAL A 224 -11.34 6.83 5.96
CA VAL A 224 -12.71 6.32 5.85
C VAL A 224 -13.52 7.30 5.03
N ALA A 225 -14.52 6.78 4.34
CA ALA A 225 -15.38 7.60 3.47
C ALA A 225 -16.84 7.36 3.82
N PRO A 226 -17.30 7.89 4.95
CA PRO A 226 -18.72 7.81 5.26
C PRO A 226 -19.50 8.74 4.33
N ASP A 227 -20.74 8.35 4.05
CA ASP A 227 -21.60 9.12 3.15
C ASP A 227 -22.18 10.29 3.94
N ILE A 228 -21.39 11.38 4.02
CA ILE A 228 -21.79 12.57 4.75
C ILE A 228 -21.77 13.75 3.79
N GLN A 229 -22.48 14.81 4.17
CA GLN A 229 -22.76 15.94 3.30
C GLN A 229 -21.81 17.12 3.53
N THR A 230 -21.63 17.52 4.78
CA THR A 230 -20.97 18.78 5.09
C THR A 230 -19.61 18.56 5.78
N ALA A 231 -18.77 19.60 5.70
CA ALA A 231 -17.50 19.57 6.41
C ALA A 231 -17.71 19.51 7.92
N GLU A 232 -18.75 20.18 8.41
N GLU A 232 -18.75 20.18 8.42
CA GLU A 232 -19.06 20.15 9.84
CA GLU A 232 -19.03 20.14 9.85
C GLU A 232 -19.26 18.72 10.33
C GLU A 232 -19.25 18.71 10.34
N GLU A 233 -19.91 17.88 9.52
CA GLU A 233 -20.11 16.49 9.92
C GLU A 233 -18.78 15.73 9.96
N ALA A 234 -17.92 15.95 8.98
CA ALA A 234 -16.62 15.28 8.97
C ALA A 234 -15.79 15.72 10.18
N LEU A 235 -15.84 17.02 10.50
CA LEU A 235 -15.05 17.55 11.61
C LEU A 235 -15.59 17.11 12.97
N ASP A 236 -16.91 16.94 13.10
CA ASP A 236 -17.46 16.40 14.34
C ASP A 236 -17.02 14.96 14.55
N LEU A 237 -16.99 14.18 13.47
CA LEU A 237 -16.58 12.77 13.57
C LEU A 237 -15.12 12.65 14.01
N ILE A 238 -14.24 13.45 13.40
CA ILE A 238 -12.84 13.45 13.79
C ILE A 238 -12.68 13.95 15.23
N THR A 239 -13.42 15.00 15.59
CA THR A 239 -13.38 15.51 16.96
C THR A 239 -13.75 14.43 17.96
N GLU A 240 -14.84 13.71 17.71
CA GLU A 240 -15.27 12.67 18.62
C GLU A 240 -14.24 11.54 18.69
N ALA A 241 -13.63 11.20 17.56
CA ALA A 241 -12.60 10.16 17.54
C ALA A 241 -11.38 10.58 18.35
N ILE A 242 -10.97 11.86 18.20
CA ILE A 242 -9.83 12.37 18.95
C ILE A 242 -10.10 12.30 20.46
N GLU A 243 -11.34 12.59 20.86
CA GLU A 243 -11.69 12.55 22.28
C GLU A 243 -11.75 11.11 22.79
N GLN A 244 -12.31 10.19 22.01
CA GLN A 244 -12.34 8.79 22.43
C GLN A 244 -10.92 8.25 22.61
N ALA A 245 -10.00 8.65 21.75
CA ALA A 245 -8.61 8.24 21.91
C ALA A 245 -7.90 8.98 23.03
N GLY A 246 -8.54 9.98 23.64
CA GLY A 246 -7.95 10.68 24.76
C GLY A 246 -6.97 11.77 24.41
N TYR A 247 -7.04 12.34 23.21
CA TYR A 247 -6.03 13.27 22.73
C TYR A 247 -6.61 14.65 22.40
N THR A 248 -7.79 14.97 22.92
CA THR A 248 -8.35 16.30 22.69
C THR A 248 -7.41 17.37 23.23
N GLY A 249 -7.13 18.37 22.40
CA GLY A 249 -6.17 19.39 22.73
C GLY A 249 -4.75 19.06 22.32
N LYS A 250 -4.43 17.79 22.07
CA LYS A 250 -3.10 17.39 21.66
C LYS A 250 -2.97 17.15 20.16
N ILE A 251 -4.08 17.00 19.46
CA ILE A 251 -4.07 16.76 18.02
C ILE A 251 -4.92 17.83 17.35
N LYS A 252 -4.35 18.49 16.35
CA LYS A 252 -5.04 19.52 15.60
C LYS A 252 -5.61 18.93 14.32
N ILE A 253 -6.24 19.78 13.51
CA ILE A 253 -6.95 19.35 12.31
C ILE A 253 -6.46 20.19 11.14
N ALA A 254 -6.32 19.56 9.98
CA ALA A 254 -6.02 20.26 8.74
C ALA A 254 -6.95 19.76 7.65
N MET A 255 -7.12 20.58 6.62
CA MET A 255 -7.95 20.22 5.48
C MET A 255 -7.21 20.48 4.19
N ASP A 256 -7.47 19.62 3.22
CA ASP A 256 -7.17 19.89 1.82
C ASP A 256 -8.53 19.95 1.12
N VAL A 257 -8.99 21.19 0.88
CA VAL A 257 -10.28 21.38 0.23
C VAL A 257 -10.22 20.88 -1.21
N ALA A 258 -9.10 21.09 -1.89
CA ALA A 258 -8.97 20.81 -3.33
C ALA A 258 -10.09 21.49 -4.10
N SER A 259 -10.28 22.78 -3.82
CA SER A 259 -11.45 23.49 -4.30
C SER A 259 -11.48 23.66 -5.82
N SER A 260 -10.34 23.51 -6.51
CA SER A 260 -10.37 23.55 -7.96
C SER A 260 -11.30 22.50 -8.54
N GLU A 261 -11.54 21.42 -7.79
CA GLU A 261 -12.41 20.36 -8.28
C GLU A 261 -13.87 20.79 -8.33
N PHE A 262 -14.28 21.76 -7.50
CA PHE A 262 -15.67 22.20 -7.50
C PHE A 262 -15.81 23.70 -7.76
N TYR A 263 -14.84 24.32 -8.43
CA TYR A 263 -14.94 25.72 -8.81
C TYR A 263 -15.58 25.81 -10.19
N LYS A 264 -16.67 26.58 -10.28
CA LYS A 264 -17.33 26.84 -11.55
C LYS A 264 -16.79 28.17 -12.08
N ALA A 265 -15.78 28.08 -12.95
CA ALA A 265 -14.96 29.25 -13.26
C ALA A 265 -15.75 30.34 -13.96
N ASP A 266 -16.77 29.99 -14.74
CA ASP A 266 -17.48 30.98 -15.53
C ASP A 266 -18.33 31.89 -14.64
N VAL A 267 -18.99 31.33 -13.62
CA VAL A 267 -19.84 32.11 -12.73
C VAL A 267 -19.10 32.61 -11.50
N LYS A 268 -17.82 32.25 -11.34
CA LYS A 268 -17.03 32.62 -10.17
C LYS A 268 -17.74 32.16 -8.88
N LYS A 269 -18.15 30.90 -8.88
CA LYS A 269 -18.85 30.31 -7.73
C LYS A 269 -18.24 28.95 -7.42
N TYR A 270 -18.46 28.52 -6.17
CA TYR A 270 -17.97 27.25 -5.66
C TYR A 270 -19.15 26.35 -5.30
N ASP A 271 -19.18 25.16 -5.85
CA ASP A 271 -20.28 24.21 -5.69
C ASP A 271 -19.89 23.18 -4.62
N LEU A 272 -20.44 23.34 -3.42
CA LEU A 272 -20.16 22.39 -2.34
C LEU A 272 -20.92 21.08 -2.49
N ASP A 273 -21.68 20.89 -3.56
CA ASP A 273 -22.36 19.64 -3.85
C ASP A 273 -22.02 19.16 -5.26
N PHE A 274 -20.78 19.38 -5.68
CA PHE A 274 -20.40 19.12 -7.06
C PHE A 274 -20.46 17.64 -7.42
N LYS A 275 -20.55 16.75 -6.44
CA LYS A 275 -20.69 15.33 -6.71
C LYS A 275 -22.10 14.94 -7.09
N ASN A 276 -23.09 15.78 -6.78
CA ASN A 276 -24.48 15.50 -7.08
C ASN A 276 -25.00 16.45 -8.16
N PRO A 277 -25.60 15.93 -9.22
CA PRO A 277 -26.20 16.82 -10.24
C PRO A 277 -27.28 17.74 -9.71
N GLU A 278 -27.73 17.55 -8.47
CA GLU A 278 -28.54 18.55 -7.80
C GLU A 278 -27.73 19.84 -7.70
N SER A 279 -27.95 20.75 -8.65
CA SER A 279 -27.16 21.98 -8.68
C SER A 279 -27.41 22.82 -7.44
N ASP A 280 -28.66 23.23 -7.23
CA ASP A 280 -29.02 24.24 -6.25
C ASP A 280 -28.07 25.44 -6.36
N PRO A 281 -28.04 26.11 -7.52
CA PRO A 281 -27.01 27.15 -7.72
C PRO A 281 -27.12 28.31 -6.75
N SER A 282 -28.23 28.45 -6.03
CA SER A 282 -28.28 29.41 -4.94
C SER A 282 -27.43 28.96 -3.75
N LYS A 283 -27.19 27.65 -3.62
CA LYS A 283 -26.27 27.13 -2.63
C LYS A 283 -24.81 27.20 -3.08
N TRP A 284 -24.55 27.59 -4.32
CA TRP A 284 -23.18 27.85 -4.75
C TRP A 284 -22.68 29.13 -4.10
N LEU A 285 -21.41 29.14 -3.72
CA LEU A 285 -20.84 30.22 -2.92
C LEU A 285 -19.82 31.02 -3.71
N THR A 286 -19.81 32.33 -3.49
CA THR A 286 -18.69 33.15 -3.93
C THR A 286 -17.48 32.89 -3.02
N TYR A 287 -16.32 33.37 -3.45
CA TYR A 287 -15.12 33.14 -2.64
C TYR A 287 -15.23 33.86 -1.30
N GLU A 288 -15.95 34.97 -1.23
CA GLU A 288 -16.18 35.63 0.05
C GLU A 288 -17.02 34.75 0.97
N GLN A 289 -18.09 34.15 0.44
CA GLN A 289 -18.92 33.26 1.24
C GLN A 289 -18.17 31.99 1.61
N LEU A 290 -17.34 31.49 0.69
CA LEU A 290 -16.50 30.33 1.02
C LEU A 290 -15.48 30.69 2.08
N ALA A 291 -14.89 31.89 2.00
CA ALA A 291 -13.96 32.33 3.03
C ALA A 291 -14.66 32.46 4.38
N ASP A 292 -15.91 32.91 4.39
CA ASP A 292 -16.68 32.95 5.64
C ASP A 292 -16.82 31.56 6.23
N LEU A 293 -17.03 30.54 5.38
CA LEU A 293 -17.15 29.17 5.87
C LEU A 293 -15.85 28.71 6.54
N TYR A 294 -14.71 28.97 5.88
CA TYR A 294 -13.43 28.60 6.46
C TYR A 294 -13.21 29.29 7.80
N LYS A 295 -13.56 30.59 7.88
CA LYS A 295 -13.38 31.32 9.13
C LYS A 295 -14.26 30.75 10.24
N SER A 296 -15.49 30.37 9.91
N SER A 296 -15.48 30.35 9.91
CA SER A 296 -16.37 29.78 10.91
CA SER A 296 -16.37 29.78 10.92
C SER A 296 -15.85 28.43 11.38
C SER A 296 -15.87 28.41 11.38
N LEU A 297 -15.32 27.62 10.46
CA LEU A 297 -14.79 26.32 10.84
C LEU A 297 -13.50 26.46 11.64
N ALA A 298 -12.66 27.42 11.28
CA ALA A 298 -11.39 27.60 11.98
C ALA A 298 -11.59 28.17 13.39
N ALA A 299 -12.65 28.94 13.58
CA ALA A 299 -12.93 29.48 14.91
C ALA A 299 -13.59 28.46 15.83
N LYS A 300 -14.19 27.41 15.26
CA LYS A 300 -14.90 26.39 16.00
C LYS A 300 -14.03 25.15 16.26
N TYR A 301 -13.27 24.72 15.27
CA TYR A 301 -12.42 23.54 15.37
C TYR A 301 -10.95 23.93 15.39
N PRO A 302 -10.07 23.08 15.93
CA PRO A 302 -8.63 23.41 15.96
C PRO A 302 -7.95 23.21 14.60
N ILE A 303 -8.41 23.97 13.61
CA ILE A 303 -7.92 23.86 12.24
C ILE A 303 -6.69 24.75 12.10
N VAL A 304 -5.52 24.12 11.92
CA VAL A 304 -4.27 24.87 11.86
C VAL A 304 -3.72 25.02 10.44
N SER A 305 -4.31 24.34 9.45
CA SER A 305 -3.80 24.41 8.09
C SER A 305 -4.94 24.10 7.12
N ILE A 306 -5.05 24.91 6.07
CA ILE A 306 -6.06 24.72 5.03
C ILE A 306 -5.34 24.78 3.69
N GLU A 307 -5.48 23.72 2.89
CA GLU A 307 -4.81 23.60 1.61
C GLU A 307 -5.83 23.79 0.48
N ASP A 308 -5.40 24.45 -0.59
CA ASP A 308 -6.21 24.81 -1.75
C ASP A 308 -7.62 25.29 -1.36
N PRO A 309 -7.73 26.29 -0.47
CA PRO A 309 -9.06 26.82 -0.13
C PRO A 309 -9.76 27.46 -1.31
N PHE A 310 -9.02 27.91 -2.32
CA PHE A 310 -9.59 28.52 -3.51
C PHE A 310 -8.89 27.95 -4.74
N ALA A 311 -9.46 28.24 -5.91
CA ALA A 311 -9.07 27.50 -7.11
C ALA A 311 -7.68 27.88 -7.58
N GLU A 312 -7.15 27.06 -8.50
CA GLU A 312 -5.75 27.13 -8.88
C GLU A 312 -5.37 28.44 -9.55
N ASP A 313 -6.32 29.17 -10.13
CA ASP A 313 -6.03 30.49 -10.68
C ASP A 313 -6.97 31.56 -10.13
N ASP A 314 -7.58 31.32 -8.98
CA ASP A 314 -8.39 32.33 -8.32
C ASP A 314 -7.52 33.13 -7.34
N TRP A 315 -6.49 33.78 -7.91
CA TRP A 315 -5.50 34.49 -7.10
C TRP A 315 -6.16 35.53 -6.20
N GLU A 316 -7.19 36.21 -6.71
CA GLU A 316 -7.86 37.22 -5.91
C GLU A 316 -8.43 36.65 -4.62
N ALA A 317 -9.03 35.46 -4.70
CA ALA A 317 -9.60 34.82 -3.52
C ALA A 317 -8.50 34.45 -2.51
N TRP A 318 -7.38 33.91 -2.99
CA TRP A 318 -6.29 33.54 -2.10
C TRP A 318 -5.77 34.76 -1.34
N SER A 319 -5.49 35.85 -2.07
CA SER A 319 -4.96 37.05 -1.42
C SER A 319 -5.94 37.61 -0.41
N TYR A 320 -7.23 37.62 -0.75
CA TYR A 320 -8.27 38.10 0.16
C TYR A 320 -8.30 37.28 1.43
N PHE A 321 -8.09 35.97 1.32
CA PHE A 321 -8.14 35.07 2.46
C PHE A 321 -6.87 35.19 3.30
N TYR A 322 -5.71 35.24 2.63
CA TYR A 322 -4.43 35.35 3.32
C TYR A 322 -4.41 36.54 4.28
N LYS A 323 -5.03 37.65 3.88
CA LYS A 323 -4.94 38.89 4.68
C LYS A 323 -5.50 38.71 6.08
N THR A 324 -6.54 37.90 6.24
CA THR A 324 -7.24 37.78 7.51
C THR A 324 -6.84 36.55 8.33
N SER A 325 -6.01 35.67 7.79
CA SER A 325 -5.83 34.32 8.31
C SER A 325 -4.48 34.15 8.99
N ASP A 326 -4.49 33.66 10.23
CA ASP A 326 -3.27 33.39 10.97
C ASP A 326 -2.82 31.94 10.88
N PHE A 327 -3.63 31.07 10.27
CA PHE A 327 -3.26 29.67 10.15
C PHE A 327 -2.52 29.44 8.83
N GLN A 328 -2.03 28.21 8.66
CA GLN A 328 -1.30 27.85 7.46
C GLN A 328 -2.25 27.75 6.27
N ILE A 329 -1.84 28.35 5.15
CA ILE A 329 -2.60 28.34 3.90
C ILE A 329 -1.69 27.72 2.85
N VAL A 330 -2.05 26.53 2.38
CA VAL A 330 -1.12 25.70 1.61
C VAL A 330 -1.52 25.74 0.14
N GLY A 331 -0.56 26.13 -0.71
CA GLY A 331 -0.76 26.04 -2.14
C GLY A 331 -0.45 24.64 -2.63
N ASP A 332 -1.37 24.05 -3.40
CA ASP A 332 -1.12 22.78 -4.05
C ASP A 332 -1.31 22.95 -5.56
N ASP A 333 -2.56 22.96 -6.02
CA ASP A 333 -2.82 23.25 -7.42
C ASP A 333 -2.49 24.70 -7.77
N LEU A 334 -2.49 25.60 -6.78
CA LEU A 334 -2.12 26.98 -7.03
C LEU A 334 -0.67 27.08 -7.46
N THR A 335 0.23 26.36 -6.79
CA THR A 335 1.65 26.54 -6.96
C THR A 335 2.33 25.44 -7.77
N VAL A 336 1.69 24.26 -7.90
CA VAL A 336 2.21 23.06 -8.56
C VAL A 336 3.72 22.92 -8.43
N THR A 337 4.26 23.11 -7.22
CA THR A 337 5.69 22.90 -6.92
C THR A 337 6.56 23.57 -7.98
N ASN A 338 6.08 24.72 -8.47
CA ASN A 338 6.66 25.38 -9.64
C ASN A 338 7.22 26.73 -9.22
N PRO A 339 8.54 26.94 -9.28
CA PRO A 339 9.11 28.21 -8.79
C PRO A 339 8.48 29.44 -9.42
N GLY A 340 8.06 29.37 -10.68
CA GLY A 340 7.43 30.53 -11.30
C GLY A 340 6.08 30.86 -10.68
N ARG A 341 5.31 29.83 -10.33
CA ARG A 341 4.02 30.06 -9.69
C ARG A 341 4.17 30.41 -8.23
N ILE A 342 5.22 29.89 -7.58
CA ILE A 342 5.51 30.24 -6.20
C ILE A 342 5.90 31.71 -6.10
N LYS A 343 6.71 32.18 -7.04
CA LYS A 343 7.05 33.60 -7.10
C LYS A 343 5.80 34.45 -7.18
N LYS A 344 4.85 34.07 -8.04
CA LYS A 344 3.61 34.84 -8.15
C LYS A 344 2.85 34.84 -6.83
N ALA A 345 2.77 33.69 -6.16
CA ALA A 345 2.06 33.60 -4.89
C ALA A 345 2.74 34.40 -3.79
N ILE A 346 4.08 34.48 -3.84
CA ILE A 346 4.79 35.35 -2.91
C ILE A 346 4.45 36.80 -3.18
N GLU A 347 4.52 37.21 -4.46
CA GLU A 347 4.30 38.60 -4.82
C GLU A 347 2.89 39.05 -4.48
N LEU A 348 1.89 38.23 -4.77
CA LEU A 348 0.50 38.59 -4.50
C LEU A 348 0.06 38.22 -3.09
N LYS A 349 0.95 37.66 -2.28
CA LYS A 349 0.64 37.26 -0.90
C LYS A 349 -0.58 36.35 -0.86
N SER A 350 -0.52 35.27 -1.64
CA SER A 350 -1.67 34.37 -1.81
C SER A 350 -1.70 33.23 -0.80
N CYS A 351 -0.55 32.74 -0.35
CA CYS A 351 -0.48 31.62 0.57
C CYS A 351 0.81 31.68 1.35
N ASN A 352 0.92 30.85 2.39
CA ASN A 352 2.11 30.88 3.24
C ASN A 352 2.70 29.49 3.44
N ALA A 353 2.37 28.54 2.57
CA ALA A 353 2.98 27.22 2.62
C ALA A 353 2.87 26.56 1.26
N LEU A 354 3.87 25.75 0.94
CA LEU A 354 3.92 25.02 -0.32
C LEU A 354 3.66 23.54 -0.07
N LEU A 355 2.70 22.98 -0.79
CA LEU A 355 2.59 21.54 -0.89
C LEU A 355 3.57 21.06 -1.97
N LEU A 356 4.58 20.31 -1.57
CA LEU A 356 5.67 19.94 -2.46
C LEU A 356 5.42 18.54 -3.01
N LYS A 357 5.05 18.45 -4.28
CA LYS A 357 4.88 17.20 -5.01
C LYS A 357 5.97 17.14 -6.08
N VAL A 358 6.94 16.23 -5.90
CA VAL A 358 8.08 16.19 -6.80
C VAL A 358 7.63 15.97 -8.24
N ASN A 359 6.58 15.19 -8.46
CA ASN A 359 6.16 14.93 -9.83
C ASN A 359 5.29 16.03 -10.41
N GLN A 360 5.01 17.10 -9.66
CA GLN A 360 4.38 18.27 -10.26
C GLN A 360 5.36 19.10 -11.07
N ILE A 361 6.66 18.95 -10.81
CA ILE A 361 7.66 19.78 -11.49
C ILE A 361 8.63 18.88 -12.25
N GLY A 362 8.95 17.70 -11.70
CA GLY A 362 9.53 16.61 -12.47
C GLY A 362 10.99 16.32 -12.25
N THR A 363 11.72 17.11 -11.46
CA THR A 363 13.08 16.75 -11.07
C THR A 363 13.25 17.05 -9.58
N LEU A 364 14.23 16.38 -8.97
CA LEU A 364 14.53 16.66 -7.58
C LEU A 364 15.08 18.07 -7.42
N THR A 365 15.92 18.51 -8.35
CA THR A 365 16.56 19.82 -8.20
C THR A 365 15.52 20.94 -8.25
N GLU A 366 14.58 20.87 -9.18
CA GLU A 366 13.54 21.90 -9.23
C GLU A 366 12.65 21.83 -7.99
N SER A 367 12.38 20.62 -7.50
CA SER A 367 11.60 20.48 -6.28
C SER A 367 12.30 21.11 -5.10
N ILE A 368 13.62 20.92 -4.98
CA ILE A 368 14.39 21.57 -3.94
C ILE A 368 14.36 23.08 -4.12
N GLN A 369 14.51 23.54 -5.36
CA GLN A 369 14.41 24.98 -5.63
C GLN A 369 13.04 25.52 -5.22
N ALA A 370 11.98 24.74 -5.49
CA ALA A 370 10.65 25.16 -5.08
C ALA A 370 10.57 25.32 -3.57
N ALA A 371 11.20 24.40 -2.82
CA ALA A 371 11.20 24.50 -1.36
C ALA A 371 12.02 25.69 -0.89
N LYS A 372 13.22 25.86 -1.46
CA LYS A 372 14.07 26.97 -1.05
C LYS A 372 13.41 28.31 -1.34
N ASP A 373 12.77 28.44 -2.50
CA ASP A 373 12.05 29.69 -2.81
C ASP A 373 10.93 29.94 -1.81
N SER A 374 10.31 28.87 -1.29
CA SER A 374 9.24 29.03 -0.32
C SER A 374 9.80 29.45 1.03
N TYR A 375 10.84 28.75 1.49
CA TYR A 375 11.53 29.11 2.73
C TYR A 375 11.95 30.58 2.72
N ALA A 376 12.38 31.06 1.55
CA ALA A 376 12.87 32.45 1.44
C ALA A 376 11.79 33.45 1.82
N ASP A 377 10.51 33.11 1.61
CA ASP A 377 9.41 33.95 2.05
C ASP A 377 8.82 33.49 3.38
N ASN A 378 9.59 32.70 4.15
CA ASN A 378 9.14 32.17 5.44
C ASN A 378 7.88 31.31 5.28
N TRP A 379 7.73 30.65 4.14
CA TRP A 379 6.65 29.69 3.98
C TRP A 379 6.95 28.41 4.74
N GLY A 380 5.89 27.73 5.16
CA GLY A 380 6.01 26.32 5.45
C GLY A 380 6.11 25.51 4.17
N VAL A 381 6.67 24.32 4.28
CA VAL A 381 6.72 23.36 3.18
C VAL A 381 6.22 22.02 3.70
N MET A 382 5.21 21.48 3.03
CA MET A 382 4.66 20.17 3.37
C MET A 382 4.93 19.23 2.20
N VAL A 383 5.84 18.28 2.39
CA VAL A 383 6.15 17.29 1.37
C VAL A 383 4.96 16.33 1.26
N SER A 384 4.57 16.01 0.03
CA SER A 384 3.29 15.35 -0.18
C SER A 384 3.42 14.15 -1.11
N HIS A 385 2.65 13.12 -0.79
CA HIS A 385 2.37 12.04 -1.70
C HIS A 385 1.43 12.49 -2.82
N ARG A 386 1.21 11.61 -3.78
CA ARG A 386 0.07 11.71 -4.68
C ARG A 386 -0.98 10.69 -4.25
N SER A 387 -2.21 10.87 -4.75
CA SER A 387 -3.25 9.91 -4.42
C SER A 387 -2.95 8.54 -5.03
N GLY A 388 -2.29 8.50 -6.18
CA GLY A 388 -1.73 7.27 -6.69
C GLY A 388 -0.28 7.12 -6.25
N GLU A 389 -0.07 6.35 -5.19
CA GLU A 389 1.26 6.16 -4.62
C GLU A 389 1.74 4.76 -4.91
N THR A 390 2.97 4.48 -4.46
CA THR A 390 3.57 3.17 -4.62
C THR A 390 4.29 2.81 -3.32
N GLU A 391 4.98 1.67 -3.36
CA GLU A 391 5.82 1.22 -2.24
C GLU A 391 7.08 2.07 -2.09
N ASP A 392 7.34 2.97 -3.04
CA ASP A 392 8.46 3.89 -2.94
C ASP A 392 8.32 4.77 -1.70
N VAL A 393 9.46 5.07 -1.04
CA VAL A 393 9.46 5.87 0.17
C VAL A 393 10.32 7.12 0.05
N THR A 394 10.60 7.55 -1.18
CA THR A 394 11.54 8.66 -1.39
C THR A 394 11.10 9.92 -0.64
N ILE A 395 9.80 10.20 -0.59
CA ILE A 395 9.38 11.48 -0.02
C ILE A 395 9.62 11.54 1.47
N ALA A 396 9.77 10.39 2.14
CA ALA A 396 10.16 10.40 3.55
C ALA A 396 11.55 11.00 3.71
N ASP A 397 12.50 10.57 2.88
CA ASP A 397 13.83 11.16 2.92
C ASP A 397 13.83 12.60 2.43
N ILE A 398 12.91 12.94 1.53
CA ILE A 398 12.82 14.33 1.08
C ILE A 398 12.33 15.22 2.22
N ALA A 399 11.28 14.79 2.92
CA ALA A 399 10.74 15.57 4.03
C ALA A 399 11.78 15.82 5.11
N VAL A 400 12.56 14.79 5.46
CA VAL A 400 13.60 14.97 6.47
C VAL A 400 14.74 15.81 5.91
N GLY A 401 15.17 15.50 4.69
CA GLY A 401 16.28 16.24 4.09
C GLY A 401 16.00 17.72 3.93
N LEU A 402 14.76 18.08 3.61
CA LEU A 402 14.38 19.48 3.44
C LEU A 402 14.10 20.19 4.75
N ARG A 403 14.14 19.47 5.87
CA ARG A 403 13.87 20.06 7.19
C ARG A 403 12.50 20.76 7.19
N SER A 404 11.55 20.17 6.47
CA SER A 404 10.25 20.81 6.30
C SER A 404 9.39 20.71 7.53
N GLY A 405 9.58 19.68 8.35
CA GLY A 405 8.80 19.55 9.56
C GLY A 405 7.34 19.16 9.36
N GLN A 406 6.93 18.90 8.12
CA GLN A 406 5.57 18.44 7.85
C GLN A 406 5.58 17.55 6.62
N ILE A 407 4.82 16.47 6.70
CA ILE A 407 4.63 15.56 5.58
C ILE A 407 3.16 15.20 5.52
N LYS A 408 2.66 15.00 4.30
CA LYS A 408 1.31 14.53 4.04
C LYS A 408 1.45 13.27 3.20
N THR A 409 1.17 12.11 3.82
CA THR A 409 1.41 10.87 3.09
C THR A 409 0.34 9.83 3.41
N GLY A 410 -0.84 10.28 3.81
CA GLY A 410 -2.02 9.42 3.88
C GLY A 410 -2.52 9.24 5.30
N ALA A 411 -3.67 8.58 5.39
CA ALA A 411 -4.10 7.99 6.63
C ALA A 411 -3.11 6.90 7.04
N PRO A 412 -3.12 6.48 8.30
CA PRO A 412 -2.29 5.33 8.67
C PRO A 412 -2.92 4.01 8.22
N CYS A 413 -3.13 3.90 6.91
CA CYS A 413 -3.86 2.78 6.31
C CYS A 413 -3.52 2.72 4.83
N ARG A 414 -3.33 1.49 4.31
CA ARG A 414 -2.79 1.19 2.98
C ARG A 414 -1.29 1.43 2.98
N SER A 415 -0.51 0.43 2.56
CA SER A 415 0.94 0.50 2.78
C SER A 415 1.67 1.45 1.83
N GLU A 416 1.05 1.90 0.74
CA GLU A 416 1.66 3.00 0.00
C GLU A 416 1.70 4.28 0.84
N ARG A 417 0.91 4.33 1.91
CA ARG A 417 0.97 5.41 2.88
C ARG A 417 1.90 5.07 4.04
N LEU A 418 1.72 3.89 4.64
CA LEU A 418 2.50 3.55 5.84
C LEU A 418 3.97 3.35 5.53
N ALA A 419 4.30 2.90 4.30
CA ALA A 419 5.71 2.70 3.97
C ALA A 419 6.51 3.98 4.18
N LYS A 420 5.92 5.13 3.86
CA LYS A 420 6.59 6.40 4.12
C LYS A 420 6.74 6.65 5.63
N LEU A 421 5.67 6.41 6.39
CA LEU A 421 5.74 6.59 7.83
C LEU A 421 6.72 5.61 8.46
N ASN A 422 6.72 4.36 7.99
CA ASN A 422 7.67 3.38 8.50
C ASN A 422 9.10 3.81 8.20
N GLN A 423 9.31 4.42 7.03
CA GLN A 423 10.66 4.89 6.69
C GLN A 423 11.11 6.00 7.62
N ILE A 424 10.20 6.87 8.04
CA ILE A 424 10.58 7.91 9.00
C ILE A 424 10.81 7.30 10.37
N LEU A 425 10.09 6.23 10.72
CA LEU A 425 10.39 5.51 11.95
C LEU A 425 11.83 5.00 11.95
N ARG A 426 12.27 4.48 10.80
CA ARG A 426 13.64 3.98 10.70
C ARG A 426 14.64 5.11 10.76
N ILE A 427 14.35 6.23 10.10
CA ILE A 427 15.21 7.41 10.17
C ILE A 427 15.27 7.92 11.61
N GLU A 428 14.11 8.00 12.27
CA GLU A 428 14.05 8.44 13.66
C GLU A 428 14.94 7.59 14.56
N GLU A 429 14.84 6.27 14.42
CA GLU A 429 15.65 5.36 15.23
C GLU A 429 17.12 5.48 14.86
N GLU A 430 17.41 5.63 13.57
CA GLU A 430 18.79 5.75 13.09
C GLU A 430 19.45 7.01 13.64
N LEU A 431 18.70 8.11 13.71
CA LEU A 431 19.27 9.39 14.10
C LEU A 431 19.33 9.59 15.61
N GLY A 432 18.40 8.99 16.35
CA GLY A 432 18.40 9.18 17.80
C GLY A 432 18.33 10.64 18.17
N GLU A 433 19.27 11.05 19.04
CA GLU A 433 19.32 12.44 19.50
C GLU A 433 19.72 13.42 18.40
N ASN A 434 20.26 12.93 17.29
CA ASN A 434 20.63 13.78 16.16
C ASN A 434 19.42 14.23 15.35
N ALA A 435 18.21 13.97 15.83
CA ALA A 435 16.99 14.41 15.17
C ALA A 435 16.02 14.89 16.24
N VAL A 436 15.18 15.85 15.86
CA VAL A 436 14.15 16.38 16.74
C VAL A 436 12.84 16.38 15.98
N TYR A 437 11.76 16.17 16.70
CA TYR A 437 10.43 16.20 16.12
C TYR A 437 9.98 17.65 15.98
N ALA A 438 9.52 18.02 14.79
CA ALA A 438 9.11 19.40 14.55
C ALA A 438 8.01 19.83 15.51
N GLY A 439 7.10 18.91 15.84
CA GLY A 439 6.08 19.22 16.81
C GLY A 439 5.27 20.45 16.42
N SER A 440 5.04 21.33 17.39
CA SER A 440 4.19 22.49 17.19
C SER A 440 4.82 23.55 16.28
N LYS A 441 6.12 23.45 15.99
CA LYS A 441 6.81 24.44 15.17
C LYS A 441 6.90 24.02 13.70
N PHE A 442 5.94 23.22 13.22
CA PHE A 442 6.06 22.67 11.87
C PHE A 442 6.06 23.75 10.80
N ARG A 443 5.37 24.87 11.03
CA ARG A 443 5.35 25.95 10.05
C ARG A 443 6.72 26.60 9.87
N THR A 444 7.60 26.51 10.88
CA THR A 444 8.90 27.16 10.84
C THR A 444 10.04 26.17 11.06
N ALA A 445 9.83 24.88 10.75
CA ALA A 445 10.77 23.85 11.16
C ALA A 445 12.13 24.02 10.50
N VAL A 446 12.18 24.65 9.34
CA VAL A 446 13.46 24.79 8.63
C VAL A 446 14.45 25.60 9.47
N ASN A 447 13.95 26.48 10.34
CA ASN A 447 14.80 27.30 11.19
C ASN A 447 14.76 26.89 12.65
N LEU A 448 14.04 25.82 12.96
CA LEU A 448 13.90 25.33 14.34
C LEU A 448 15.25 25.13 15.01
N PRO B 12 29.79 -14.23 9.46
CA PRO B 12 28.99 -14.20 10.69
C PRO B 12 27.99 -13.06 10.72
N ILE B 13 26.88 -13.24 11.45
CA ILE B 13 25.90 -12.17 11.61
C ILE B 13 26.46 -11.12 12.54
N SER B 14 26.51 -9.88 12.08
CA SER B 14 27.04 -8.79 12.89
C SER B 14 25.96 -8.06 13.69
N LYS B 15 24.70 -8.18 13.30
CA LYS B 15 23.62 -7.44 13.94
C LYS B 15 22.29 -8.07 13.63
N ILE B 16 21.45 -8.22 14.65
CA ILE B 16 20.05 -8.61 14.51
C ILE B 16 19.24 -7.63 15.34
N HIS B 17 18.34 -6.88 14.71
CA HIS B 17 17.60 -5.84 15.41
C HIS B 17 16.19 -5.74 14.86
N ALA B 18 15.21 -5.69 15.75
CA ALA B 18 13.82 -5.57 15.38
C ALA B 18 13.25 -4.22 15.79
N ARG B 19 12.17 -3.82 15.10
CA ARG B 19 11.46 -2.60 15.43
C ARG B 19 9.99 -2.78 15.12
N SER B 20 9.17 -1.88 15.64
N SER B 20 9.18 -1.85 15.61
CA SER B 20 7.75 -1.88 15.34
CA SER B 20 7.75 -1.85 15.35
C SER B 20 7.47 -0.96 14.17
C SER B 20 7.45 -0.94 14.17
N VAL B 21 6.77 -1.47 13.15
CA VAL B 21 6.33 -0.69 12.02
C VAL B 21 4.83 -0.92 11.88
N TYR B 22 4.18 -0.22 10.96
CA TYR B 22 2.74 -0.30 10.81
C TYR B 22 2.37 -1.11 9.57
N ASP B 23 1.38 -1.99 9.73
CA ASP B 23 0.86 -2.75 8.60
C ASP B 23 -0.24 -1.96 7.90
N SER B 24 -0.82 -2.56 6.87
CA SER B 24 -1.75 -1.85 5.99
C SER B 24 -3.07 -1.50 6.65
N ARG B 25 -3.38 -2.06 7.82
CA ARG B 25 -4.58 -1.68 8.56
C ARG B 25 -4.32 -0.64 9.63
N GLY B 26 -3.07 -0.21 9.80
CA GLY B 26 -2.74 0.75 10.82
C GLY B 26 -2.36 0.16 12.15
N ASN B 27 -2.06 -1.14 12.20
CA ASN B 27 -1.68 -1.84 13.41
C ASN B 27 -0.19 -2.13 13.41
N PRO B 28 0.45 -2.15 14.58
CA PRO B 28 1.88 -2.45 14.64
C PRO B 28 2.18 -3.87 14.22
N THR B 29 3.38 -4.06 13.69
CA THR B 29 3.89 -5.41 13.43
C THR B 29 5.41 -5.35 13.47
N VAL B 30 6.01 -6.52 13.36
CA VAL B 30 7.44 -6.70 13.61
C VAL B 30 8.22 -6.61 12.31
N GLU B 31 9.28 -5.81 12.31
CA GLU B 31 10.26 -5.78 11.24
C GLU B 31 11.61 -6.15 11.83
N VAL B 32 12.36 -6.99 11.12
CA VAL B 32 13.63 -7.51 11.61
C VAL B 32 14.73 -7.20 10.61
N ASP B 33 15.86 -6.68 11.10
CA ASP B 33 17.06 -6.46 10.32
C ASP B 33 18.10 -7.51 10.70
N VAL B 34 18.72 -8.12 9.69
CA VAL B 34 19.87 -9.00 9.89
C VAL B 34 21.01 -8.46 9.05
N VAL B 35 22.11 -8.10 9.69
CA VAL B 35 23.25 -7.50 9.02
C VAL B 35 24.35 -8.56 8.89
N THR B 36 24.80 -8.78 7.66
CA THR B 36 25.94 -9.66 7.38
C THR B 36 26.94 -8.92 6.51
N GLU B 37 27.99 -9.61 6.06
CA GLU B 37 28.98 -8.97 5.22
C GLU B 37 28.42 -8.51 3.88
N THR B 38 27.28 -9.07 3.45
CA THR B 38 26.66 -8.65 2.21
C THR B 38 25.73 -7.46 2.38
N GLY B 39 25.52 -6.98 3.60
CA GLY B 39 24.67 -5.83 3.82
C GLY B 39 23.52 -6.09 4.76
N LEU B 40 22.51 -5.23 4.74
CA LEU B 40 21.35 -5.38 5.60
C LEU B 40 20.28 -6.17 4.87
N HIS B 41 19.62 -7.06 5.61
CA HIS B 41 18.57 -7.91 5.08
C HIS B 41 17.36 -7.78 5.98
N ARG B 42 16.25 -7.34 5.42
CA ARG B 42 15.10 -6.88 6.19
C ARG B 42 13.86 -7.65 5.78
N ALA B 43 12.99 -7.89 6.76
CA ALA B 43 11.73 -8.57 6.53
C ALA B 43 10.71 -8.06 7.52
N ILE B 44 9.47 -7.93 7.06
CA ILE B 44 8.34 -7.53 7.90
C ILE B 44 7.37 -8.69 7.97
N VAL B 45 6.83 -8.92 9.17
CA VAL B 45 5.86 -9.97 9.43
C VAL B 45 4.46 -9.42 9.17
N PRO B 46 3.60 -10.17 8.50
CA PRO B 46 2.22 -9.73 8.31
C PRO B 46 1.37 -10.06 9.53
N SER B 47 0.07 -9.77 9.41
CA SER B 47 -0.90 -10.16 10.43
C SER B 47 -2.23 -10.54 9.78
N GLN B 53 -7.81 -20.56 14.29
CA GLN B 53 -7.78 -21.02 15.68
C GLN B 53 -6.51 -21.81 15.97
N HIS B 54 -6.08 -22.60 14.98
CA HIS B 54 -4.90 -23.44 15.09
C HIS B 54 -3.63 -22.77 14.56
N GLU B 55 -3.60 -21.45 14.52
CA GLU B 55 -2.44 -20.74 13.98
C GLU B 55 -1.34 -20.63 15.03
N ALA B 56 -0.12 -20.48 14.53
CA ALA B 56 1.00 -20.12 15.41
C ALA B 56 0.67 -18.83 16.15
N HIS B 57 1.16 -18.73 17.38
CA HIS B 57 0.76 -17.70 18.33
C HIS B 57 1.56 -16.43 18.10
N GLU B 58 0.94 -15.38 17.56
CA GLU B 58 1.60 -14.09 17.51
C GLU B 58 1.53 -13.44 18.89
N LEU B 59 2.61 -12.76 19.27
CA LEU B 59 2.70 -12.11 20.57
C LEU B 59 2.29 -10.65 20.41
N ARG B 60 1.19 -10.28 21.06
CA ARG B 60 0.73 -8.89 21.14
C ARG B 60 0.88 -8.39 22.58
N ASP B 61 1.08 -7.09 22.71
CA ASP B 61 1.39 -6.52 24.03
C ASP B 61 0.20 -6.58 24.97
N GLY B 62 -1.02 -6.40 24.45
CA GLY B 62 -2.19 -6.41 25.30
C GLY B 62 -2.35 -5.19 26.18
N ASP B 63 -1.59 -4.12 25.95
CA ASP B 63 -1.77 -2.87 26.69
C ASP B 63 -2.89 -2.10 26.03
N LYS B 64 -4.05 -2.06 26.67
CA LYS B 64 -5.19 -1.40 26.05
C LYS B 64 -5.00 0.11 25.87
N THR B 65 -4.01 0.71 26.53
CA THR B 65 -3.70 2.12 26.33
C THR B 65 -2.78 2.35 25.13
N GLN B 66 -2.31 1.29 24.48
CA GLN B 66 -1.32 1.40 23.40
C GLN B 66 -1.78 0.61 22.20
N TRP B 67 -2.12 1.32 21.11
CA TRP B 67 -2.58 0.69 19.88
C TRP B 67 -3.77 -0.24 20.10
N GLY B 68 -4.62 0.07 21.07
CA GLY B 68 -5.73 -0.81 21.39
C GLY B 68 -5.32 -2.20 21.80
N GLY B 69 -4.15 -2.33 22.43
CA GLY B 69 -3.66 -3.63 22.85
C GLY B 69 -2.87 -4.39 21.79
N LYS B 70 -2.67 -3.81 20.61
CA LYS B 70 -2.07 -4.53 19.49
C LYS B 70 -0.59 -4.20 19.30
N GLY B 71 0.07 -3.65 20.32
CA GLY B 71 1.50 -3.40 20.22
C GLY B 71 2.28 -4.69 20.08
N VAL B 72 3.50 -4.55 19.56
CA VAL B 72 4.39 -5.70 19.40
C VAL B 72 5.73 -5.43 20.07
N LEU B 73 5.73 -4.57 21.10
CA LEU B 73 6.99 -4.22 21.76
C LEU B 73 7.62 -5.43 22.42
N LYS B 74 6.80 -6.35 22.94
CA LYS B 74 7.35 -7.54 23.59
C LYS B 74 7.95 -8.49 22.58
N ALA B 75 7.30 -8.66 21.42
CA ALA B 75 7.88 -9.49 20.37
C ALA B 75 9.17 -8.88 19.83
N VAL B 76 9.18 -7.56 19.61
CA VAL B 76 10.41 -6.88 19.18
C VAL B 76 11.48 -7.05 20.25
N LYS B 77 11.12 -6.91 21.52
CA LYS B 77 12.06 -7.12 22.61
C LYS B 77 12.64 -8.53 22.57
N ASN B 78 11.80 -9.52 22.30
CA ASN B 78 12.27 -10.91 22.24
C ASN B 78 13.28 -11.11 21.13
N VAL B 79 13.15 -10.39 20.01
CA VAL B 79 14.16 -10.47 18.96
C VAL B 79 15.46 -9.83 19.42
N ASN B 80 15.36 -8.63 20.01
CA ASN B 80 16.55 -7.84 20.32
C ASN B 80 17.31 -8.43 21.50
N GLU B 81 16.60 -8.92 22.50
CA GLU B 81 17.22 -9.34 23.75
C GLU B 81 17.45 -10.84 23.87
N THR B 82 16.65 -11.67 23.19
CA THR B 82 16.74 -13.11 23.33
C THR B 82 17.20 -13.79 22.05
N ILE B 83 16.43 -13.67 20.96
CA ILE B 83 16.72 -14.43 19.75
C ILE B 83 18.02 -13.94 19.10
N GLY B 84 18.12 -12.64 18.88
CA GLY B 84 19.28 -12.05 18.24
C GLY B 84 20.61 -12.47 18.83
N PRO B 85 20.85 -12.15 20.11
CA PRO B 85 22.13 -12.52 20.72
C PRO B 85 22.39 -14.02 20.70
N ALA B 86 21.35 -14.83 20.90
CA ALA B 86 21.54 -16.28 20.87
C ALA B 86 21.95 -16.76 19.49
N LEU B 87 21.27 -16.27 18.45
CA LEU B 87 21.58 -16.73 17.10
C LEU B 87 22.98 -16.33 16.68
N ILE B 88 23.43 -15.15 17.08
CA ILE B 88 24.77 -14.70 16.72
C ILE B 88 25.82 -15.60 17.40
N LYS B 89 25.64 -15.85 18.70
CA LYS B 89 26.56 -16.72 19.42
C LYS B 89 26.49 -18.16 18.91
N GLU B 90 25.32 -18.58 18.42
CA GLU B 90 25.20 -19.93 17.87
C GLU B 90 25.96 -20.07 16.56
N ASN B 91 26.08 -18.96 15.81
CA ASN B 91 27.02 -18.85 14.69
C ASN B 91 26.66 -19.83 13.57
N ILE B 92 25.39 -19.88 13.22
CA ILE B 92 24.92 -20.74 12.14
C ILE B 92 25.12 -20.04 10.80
N ASP B 93 25.62 -20.79 9.82
CA ASP B 93 25.74 -20.27 8.46
C ASP B 93 24.36 -19.87 7.94
N VAL B 94 24.24 -18.62 7.49
CA VAL B 94 22.92 -18.08 7.15
C VAL B 94 22.30 -18.75 5.93
N LYS B 95 23.08 -19.49 5.14
CA LYS B 95 22.50 -20.25 4.03
C LYS B 95 21.71 -21.45 4.51
N ASP B 96 22.04 -21.98 5.70
CA ASP B 96 21.43 -23.22 6.21
C ASP B 96 20.14 -22.86 6.92
N GLN B 97 19.11 -22.56 6.12
CA GLN B 97 17.83 -22.12 6.67
C GLN B 97 17.25 -23.14 7.63
N SER B 98 17.34 -24.43 7.29
CA SER B 98 16.81 -25.47 8.17
C SER B 98 17.47 -25.40 9.55
N LYS B 99 18.79 -25.20 9.58
CA LYS B 99 19.49 -25.13 10.86
C LYS B 99 19.10 -23.88 11.64
N VAL B 100 18.94 -22.74 10.94
CA VAL B 100 18.50 -21.52 11.60
C VAL B 100 17.13 -21.71 12.22
N ASP B 101 16.17 -22.24 11.44
CA ASP B 101 14.81 -22.39 11.94
C ASP B 101 14.72 -23.45 13.03
N GLU B 102 15.50 -24.52 12.91
CA GLU B 102 15.58 -25.49 14.00
C GLU B 102 16.02 -24.81 15.30
N PHE B 103 17.05 -23.96 15.22
CA PHE B 103 17.53 -23.26 16.41
C PHE B 103 16.49 -22.29 16.95
N LEU B 104 15.76 -21.60 16.07
CA LEU B 104 14.73 -20.68 16.51
C LEU B 104 13.64 -21.41 17.29
N ASN B 105 13.19 -22.56 16.76
CA ASN B 105 12.17 -23.33 17.45
C ASN B 105 12.70 -23.90 18.75
N LYS B 106 13.97 -24.32 18.77
CA LYS B 106 14.60 -24.76 20.01
C LYS B 106 14.59 -23.65 21.06
N LEU B 107 14.92 -22.43 20.64
CA LEU B 107 14.89 -21.29 21.56
C LEU B 107 13.51 -21.10 22.14
N ASP B 108 12.48 -21.17 21.30
CA ASP B 108 11.12 -20.96 21.78
C ASP B 108 10.66 -22.11 22.67
N GLY B 109 10.76 -23.34 22.17
CA GLY B 109 10.46 -24.52 22.95
C GLY B 109 9.00 -24.88 23.06
N THR B 110 8.09 -24.09 22.48
CA THR B 110 6.68 -24.40 22.51
C THR B 110 6.19 -24.75 21.11
N ALA B 111 5.13 -25.56 21.07
CA ALA B 111 4.59 -26.01 19.79
C ALA B 111 3.98 -24.85 19.00
N ASN B 112 3.33 -23.91 19.69
CA ASN B 112 2.62 -22.81 19.04
C ASN B 112 3.43 -21.52 19.01
N LYS B 113 4.71 -21.59 19.35
CA LYS B 113 5.60 -20.43 19.33
C LYS B 113 5.09 -19.30 20.23
N SER B 114 4.50 -19.67 21.37
CA SER B 114 3.90 -18.68 22.27
C SER B 114 4.88 -18.15 23.30
N ASN B 115 6.05 -18.75 23.44
CA ASN B 115 7.06 -18.20 24.35
C ASN B 115 7.66 -16.93 23.78
N LEU B 116 8.27 -17.00 22.61
CA LEU B 116 8.89 -15.84 22.00
C LEU B 116 7.96 -15.07 21.07
N GLY B 117 6.91 -15.71 20.57
CA GLY B 117 6.04 -15.07 19.60
C GLY B 117 6.33 -15.54 18.20
N ALA B 118 5.32 -16.06 17.51
CA ALA B 118 5.50 -16.48 16.12
C ALA B 118 5.91 -15.31 15.24
N ASN B 119 5.44 -14.10 15.56
CA ASN B 119 5.86 -12.94 14.76
C ASN B 119 7.31 -12.59 15.01
N ALA B 120 7.80 -12.78 16.22
CA ALA B 120 9.22 -12.60 16.47
C ALA B 120 10.05 -13.65 15.75
N ILE B 121 9.62 -14.91 15.80
CA ILE B 121 10.40 -15.99 15.20
C ILE B 121 10.41 -15.86 13.69
N LEU B 122 9.26 -15.58 13.08
CA LEU B 122 9.18 -15.50 11.62
C LEU B 122 10.01 -14.35 11.09
N GLY B 123 10.00 -13.21 11.78
CA GLY B 123 10.76 -12.07 11.31
C GLY B 123 12.24 -12.38 11.18
N VAL B 124 12.81 -13.03 12.20
CA VAL B 124 14.20 -13.49 12.12
C VAL B 124 14.36 -14.52 11.00
N SER B 125 13.41 -15.45 10.89
CA SER B 125 13.51 -16.51 9.91
C SER B 125 13.57 -15.96 8.49
N LEU B 126 12.70 -14.98 8.19
CA LEU B 126 12.64 -14.42 6.84
C LEU B 126 13.83 -13.52 6.55
N ALA B 127 14.28 -12.75 7.54
CA ALA B 127 15.44 -11.88 7.32
C ALA B 127 16.71 -12.70 7.14
N VAL B 128 16.85 -13.79 7.89
CA VAL B 128 18.02 -14.64 7.72
C VAL B 128 17.99 -15.31 6.35
N ALA B 129 16.80 -15.68 5.88
CA ALA B 129 16.69 -16.28 4.55
C ALA B 129 17.20 -15.33 3.48
N LYS B 130 16.92 -14.04 3.63
CA LYS B 130 17.43 -13.07 2.66
C LYS B 130 18.94 -12.92 2.79
N ALA B 131 19.46 -12.96 4.02
CA ALA B 131 20.90 -12.97 4.21
C ALA B 131 21.53 -14.20 3.56
N GLY B 132 20.88 -15.36 3.67
CA GLY B 132 21.41 -16.56 3.06
C GLY B 132 21.43 -16.48 1.55
N ALA B 133 20.33 -16.00 0.95
CA ALA B 133 20.31 -15.77 -0.49
C ALA B 133 21.45 -14.84 -0.91
N ALA B 134 21.63 -13.74 -0.18
CA ALA B 134 22.70 -12.80 -0.51
C ALA B 134 24.07 -13.43 -0.39
N GLU B 135 24.29 -14.27 0.65
CA GLU B 135 25.55 -14.98 0.75
C GLU B 135 25.77 -15.86 -0.47
N LYS B 136 24.72 -16.53 -0.95
CA LYS B 136 24.84 -17.33 -2.16
C LYS B 136 24.93 -16.49 -3.42
N GLY B 137 24.73 -15.18 -3.31
CA GLY B 137 24.77 -14.34 -4.49
C GLY B 137 23.61 -14.54 -5.44
N VAL B 138 22.48 -15.03 -4.95
CA VAL B 138 21.31 -15.26 -5.77
C VAL B 138 20.11 -14.55 -5.14
N PRO B 139 19.11 -14.18 -5.92
CA PRO B 139 17.90 -13.60 -5.33
C PRO B 139 17.18 -14.62 -4.45
N LEU B 140 16.26 -14.11 -3.62
CA LEU B 140 15.60 -14.95 -2.62
C LEU B 140 14.86 -16.12 -3.26
N TYR B 141 14.20 -15.89 -4.41
CA TYR B 141 13.43 -16.97 -5.02
C TYR B 141 14.31 -18.12 -5.48
N ALA B 142 15.53 -17.82 -5.94
CA ALA B 142 16.46 -18.89 -6.30
C ALA B 142 16.88 -19.68 -5.06
N HIS B 143 17.17 -18.96 -3.98
CA HIS B 143 17.50 -19.61 -2.71
C HIS B 143 16.36 -20.50 -2.23
N ILE B 144 15.12 -19.99 -2.29
CA ILE B 144 13.98 -20.80 -1.85
C ILE B 144 13.80 -22.01 -2.75
N SER B 145 14.03 -21.84 -4.06
CA SER B 145 14.01 -23.00 -4.96
C SER B 145 15.01 -24.05 -4.51
N ASP B 146 16.23 -23.64 -4.14
CA ASP B 146 17.20 -24.57 -3.58
C ASP B 146 16.66 -25.25 -2.33
N LEU B 147 16.15 -24.45 -1.39
CA LEU B 147 15.65 -25.00 -0.13
C LEU B 147 14.50 -25.97 -0.35
N ALA B 148 13.64 -25.68 -1.32
CA ALA B 148 12.46 -26.50 -1.57
C ALA B 148 12.69 -27.59 -2.60
N GLY B 149 13.84 -27.59 -3.28
CA GLY B 149 14.09 -28.59 -4.30
C GLY B 149 13.17 -28.50 -5.50
N THR B 150 12.82 -27.28 -5.93
CA THR B 150 11.99 -27.10 -7.11
C THR B 150 12.87 -26.89 -8.34
N LYS B 151 12.42 -27.45 -9.47
CA LYS B 151 13.24 -27.49 -10.67
C LYS B 151 13.11 -26.19 -11.47
N LYS B 152 13.98 -26.07 -12.47
CA LYS B 152 14.03 -25.01 -13.47
C LYS B 152 13.35 -25.47 -14.76
N PRO B 153 12.80 -24.56 -15.57
CA PRO B 153 12.77 -23.11 -15.35
C PRO B 153 11.80 -22.71 -14.25
N TYR B 154 11.93 -21.48 -13.77
CA TYR B 154 11.03 -20.99 -12.73
C TYR B 154 9.62 -20.82 -13.29
N VAL B 155 8.64 -20.96 -12.41
CA VAL B 155 7.24 -20.77 -12.75
C VAL B 155 6.73 -19.54 -12.04
N LEU B 156 6.18 -18.61 -12.80
CA LEU B 156 5.55 -17.40 -12.28
C LEU B 156 4.08 -17.67 -11.95
N PRO B 157 3.60 -17.17 -10.83
CA PRO B 157 2.28 -17.58 -10.35
C PRO B 157 1.13 -16.84 -11.00
N VAL B 158 0.04 -17.55 -11.18
CA VAL B 158 -1.23 -16.91 -11.54
C VAL B 158 -1.73 -16.10 -10.35
N PRO B 159 -2.02 -14.81 -10.53
CA PRO B 159 -2.51 -14.00 -9.41
C PRO B 159 -4.01 -14.22 -9.20
N PHE B 160 -4.37 -14.61 -7.98
CA PHE B 160 -5.76 -14.78 -7.58
C PHE B 160 -6.18 -13.49 -6.87
N GLN B 161 -6.93 -12.66 -7.57
CA GLN B 161 -7.12 -11.26 -7.20
C GLN B 161 -8.51 -11.04 -6.64
N ASN B 162 -8.58 -10.68 -5.37
CA ASN B 162 -9.83 -10.53 -4.62
C ASN B 162 -10.42 -9.14 -4.91
N VAL B 163 -11.22 -9.06 -5.96
CA VAL B 163 -11.75 -7.76 -6.40
C VAL B 163 -13.09 -7.41 -5.76
N LEU B 164 -13.79 -8.37 -5.15
CA LEU B 164 -15.08 -8.09 -4.54
C LEU B 164 -15.20 -8.89 -3.25
N ASN B 165 -15.67 -8.23 -2.19
CA ASN B 165 -15.65 -8.80 -0.85
C ASN B 165 -17.06 -8.89 -0.27
N GLY B 166 -17.30 -9.95 0.50
CA GLY B 166 -18.55 -10.11 1.22
C GLY B 166 -18.31 -10.62 2.62
N GLY B 167 -19.34 -11.19 3.23
CA GLY B 167 -19.17 -11.78 4.55
C GLY B 167 -18.92 -10.73 5.60
N SER B 168 -17.90 -10.97 6.44
CA SER B 168 -17.61 -10.09 7.57
C SER B 168 -17.17 -8.71 7.13
N HIS B 169 -16.77 -8.54 5.86
CA HIS B 169 -16.26 -7.27 5.38
C HIS B 169 -17.33 -6.38 4.75
N ALA B 170 -18.49 -6.95 4.40
CA ALA B 170 -19.53 -6.22 3.69
C ALA B 170 -20.78 -6.10 4.55
N GLY B 171 -21.70 -5.24 4.12
CA GLY B 171 -22.90 -4.96 4.88
C GLY B 171 -24.15 -5.64 4.35
N GLY B 172 -24.07 -6.21 3.15
CA GLY B 172 -25.19 -6.94 2.60
C GLY B 172 -25.34 -8.32 3.22
N ARG B 173 -26.33 -9.05 2.73
CA ARG B 173 -26.54 -10.42 3.18
C ARG B 173 -25.47 -11.38 2.66
N LEU B 174 -24.62 -10.93 1.74
CA LEU B 174 -23.62 -11.79 1.11
C LEU B 174 -22.71 -12.41 2.16
N ALA B 175 -22.76 -13.73 2.27
CA ALA B 175 -22.02 -14.44 3.30
C ALA B 175 -20.60 -14.83 2.87
N PHE B 176 -20.39 -15.13 1.59
CA PHE B 176 -19.08 -15.52 1.11
C PHE B 176 -18.11 -14.35 1.25
N GLN B 177 -16.85 -14.67 1.55
CA GLN B 177 -15.91 -13.63 1.94
C GLN B 177 -15.17 -13.00 0.75
N GLU B 178 -14.70 -13.79 -0.21
CA GLU B 178 -13.82 -13.27 -1.24
C GLU B 178 -14.21 -13.79 -2.61
N PHE B 179 -14.34 -12.88 -3.57
CA PHE B 179 -14.58 -13.23 -4.96
C PHE B 179 -13.40 -12.75 -5.78
N MET B 180 -12.74 -13.70 -6.44
CA MET B 180 -11.47 -13.45 -7.12
C MET B 180 -11.59 -13.69 -8.62
N ILE B 181 -10.79 -12.96 -9.39
CA ILE B 181 -10.59 -13.25 -10.81
C ILE B 181 -9.26 -13.94 -10.97
N VAL B 182 -9.15 -14.79 -11.99
CA VAL B 182 -7.99 -15.65 -12.19
C VAL B 182 -7.55 -15.54 -13.64
N PRO B 183 -6.63 -14.64 -13.97
CA PRO B 183 -6.18 -14.50 -15.38
C PRO B 183 -5.17 -15.58 -15.76
N ASP B 184 -5.67 -16.80 -15.96
CA ASP B 184 -4.80 -17.93 -16.23
C ASP B 184 -4.56 -18.18 -17.72
N SER B 185 -5.36 -17.59 -18.62
CA SER B 185 -5.15 -17.81 -20.05
C SER B 185 -4.09 -16.90 -20.66
N ALA B 186 -3.58 -15.93 -19.92
CA ALA B 186 -2.64 -14.98 -20.49
C ALA B 186 -1.32 -15.68 -20.82
N PRO B 187 -0.61 -15.21 -21.86
CA PRO B 187 0.68 -15.84 -22.20
C PRO B 187 1.78 -15.55 -21.19
N SER B 188 1.70 -14.44 -20.47
CA SER B 188 2.75 -14.05 -19.54
C SER B 188 2.12 -13.51 -18.26
N PHE B 189 2.92 -13.52 -17.19
CA PHE B 189 2.47 -12.90 -15.95
C PHE B 189 2.17 -11.41 -16.16
N SER B 190 3.01 -10.72 -16.93
CA SER B 190 2.79 -9.31 -17.18
C SER B 190 1.45 -9.06 -17.86
N GLU B 191 1.10 -9.90 -18.85
CA GLU B 191 -0.19 -9.73 -19.52
C GLU B 191 -1.34 -10.11 -18.60
N ALA B 192 -1.15 -11.13 -17.76
CA ALA B 192 -2.20 -11.48 -16.80
C ALA B 192 -2.47 -10.32 -15.84
N LEU B 193 -1.42 -9.62 -15.42
CA LEU B 193 -1.61 -8.47 -14.54
C LEU B 193 -2.40 -7.37 -15.23
N ARG B 194 -2.04 -7.08 -16.49
CA ARG B 194 -2.78 -6.05 -17.23
C ARG B 194 -4.24 -6.41 -17.34
N GLN B 195 -4.53 -7.68 -17.68
CA GLN B 195 -5.91 -8.13 -17.80
C GLN B 195 -6.65 -7.93 -16.49
N GLY B 196 -6.09 -8.42 -15.38
CA GLY B 196 -6.73 -8.25 -14.10
C GLY B 196 -6.91 -6.80 -13.69
N ALA B 197 -5.92 -5.96 -14.03
CA ALA B 197 -6.04 -4.53 -13.73
C ALA B 197 -7.17 -3.91 -14.52
N GLU B 198 -7.32 -4.29 -15.78
CA GLU B 198 -8.41 -3.75 -16.60
C GLU B 198 -9.76 -4.22 -16.11
N VAL B 199 -9.89 -5.50 -15.78
CA VAL B 199 -11.14 -6.01 -15.24
C VAL B 199 -11.50 -5.29 -13.96
N TYR B 200 -10.52 -5.09 -13.08
CA TYR B 200 -10.77 -4.41 -11.81
C TYR B 200 -11.32 -3.01 -12.04
N GLN B 201 -10.74 -2.27 -12.97
CA GLN B 201 -11.24 -0.93 -13.26
C GLN B 201 -12.69 -0.97 -13.75
N LYS B 202 -13.01 -1.95 -14.60
CA LYS B 202 -14.40 -2.12 -15.03
C LYS B 202 -15.31 -2.42 -13.86
N LEU B 203 -14.88 -3.32 -12.97
CA LEU B 203 -15.72 -3.71 -11.85
C LEU B 203 -15.97 -2.55 -10.90
N LYS B 204 -14.91 -1.79 -10.58
CA LYS B 204 -15.08 -0.64 -9.70
C LYS B 204 -16.09 0.33 -10.26
N ALA B 205 -16.01 0.60 -11.57
CA ALA B 205 -17.00 1.45 -12.22
C ALA B 205 -18.40 0.83 -12.14
N LEU B 206 -18.50 -0.48 -12.41
CA LEU B 206 -19.79 -1.17 -12.31
C LEU B 206 -20.35 -1.07 -10.90
N ALA B 207 -19.51 -1.32 -9.90
CA ALA B 207 -19.96 -1.26 -8.51
C ALA B 207 -20.52 0.12 -8.18
N LYS B 208 -19.82 1.18 -8.59
CA LYS B 208 -20.31 2.53 -8.35
C LYS B 208 -21.60 2.81 -9.10
N LYS B 209 -21.68 2.38 -10.36
CA LYS B 209 -22.87 2.62 -11.15
C LYS B 209 -24.08 1.86 -10.60
N LYS B 210 -23.90 0.59 -10.24
CA LYS B 210 -25.02 -0.24 -9.81
C LYS B 210 -25.36 -0.10 -8.34
N TYR B 211 -24.48 0.46 -7.51
CA TYR B 211 -24.70 0.47 -6.08
C TYR B 211 -24.42 1.81 -5.41
N GLY B 212 -24.03 2.84 -6.15
CA GLY B 212 -23.76 4.12 -5.55
C GLY B 212 -22.27 4.42 -5.48
N GLN B 213 -21.94 5.71 -5.40
CA GLN B 213 -20.55 6.13 -5.41
C GLN B 213 -19.77 5.54 -4.24
N SER B 214 -20.41 5.37 -3.08
CA SER B 214 -19.73 4.80 -1.93
C SER B 214 -19.30 3.36 -2.17
N ALA B 215 -19.89 2.67 -3.15
CA ALA B 215 -19.53 1.28 -3.42
C ALA B 215 -18.13 1.15 -4.03
N GLY B 216 -17.51 2.25 -4.46
CA GLY B 216 -16.18 2.21 -5.02
C GLY B 216 -15.06 2.24 -4.01
N ASN B 217 -15.37 2.49 -2.74
CA ASN B 217 -14.35 2.44 -1.71
C ASN B 217 -13.99 0.98 -1.43
N VAL B 218 -12.77 0.76 -0.95
CA VAL B 218 -12.22 -0.59 -0.92
C VAL B 218 -12.08 -1.07 0.52
N GLY B 219 -12.13 -2.40 0.67
CA GLY B 219 -11.83 -3.04 1.93
C GLY B 219 -10.35 -3.29 2.11
N ASP B 220 -10.04 -4.14 3.10
CA ASP B 220 -8.66 -4.32 3.53
C ASP B 220 -7.76 -4.80 2.39
N GLU B 221 -8.28 -5.58 1.46
CA GLU B 221 -7.46 -6.20 0.43
C GLU B 221 -7.56 -5.51 -0.92
N GLY B 222 -8.21 -4.34 -0.97
CA GLY B 222 -8.26 -3.56 -2.19
C GLY B 222 -9.46 -3.80 -3.07
N GLY B 223 -10.34 -4.72 -2.72
CA GLY B 223 -11.55 -4.95 -3.49
C GLY B 223 -12.72 -4.10 -2.99
N VAL B 224 -13.75 -4.01 -3.83
CA VAL B 224 -14.97 -3.30 -3.44
C VAL B 224 -15.84 -4.22 -2.59
N ALA B 225 -16.76 -3.61 -1.84
CA ALA B 225 -17.66 -4.37 -0.96
C ALA B 225 -19.02 -3.68 -0.90
N PRO B 226 -19.77 -3.70 -2.01
CA PRO B 226 -21.12 -3.13 -1.99
C PRO B 226 -22.08 -4.02 -1.22
N ASP B 227 -23.27 -3.48 -0.98
CA ASP B 227 -24.32 -4.21 -0.26
C ASP B 227 -24.95 -5.20 -1.23
N ILE B 228 -24.33 -6.38 -1.33
CA ILE B 228 -24.78 -7.47 -2.20
C ILE B 228 -25.45 -8.52 -1.33
N GLN B 229 -26.49 -9.15 -1.87
CA GLN B 229 -27.31 -10.09 -1.09
C GLN B 229 -26.97 -11.55 -1.34
N THR B 230 -26.68 -11.94 -2.58
CA THR B 230 -26.45 -13.34 -2.92
C THR B 230 -25.12 -13.51 -3.64
N ALA B 231 -24.63 -14.75 -3.63
CA ALA B 231 -23.39 -15.07 -4.32
C ALA B 231 -23.53 -14.91 -5.83
N GLU B 232 -24.69 -15.33 -6.38
CA GLU B 232 -24.92 -15.13 -7.81
C GLU B 232 -24.86 -13.64 -8.17
N GLU B 233 -25.37 -12.78 -7.29
CA GLU B 233 -25.32 -11.35 -7.55
C GLU B 233 -23.88 -10.86 -7.66
N ALA B 234 -22.99 -11.37 -6.80
CA ALA B 234 -21.59 -10.96 -6.87
C ALA B 234 -20.90 -11.53 -8.11
N LEU B 235 -21.21 -12.78 -8.44
CA LEU B 235 -20.58 -13.42 -9.60
C LEU B 235 -21.04 -12.78 -10.91
N ASP B 236 -22.31 -12.36 -10.99
CA ASP B 236 -22.78 -11.67 -12.18
C ASP B 236 -22.05 -10.35 -12.37
N LEU B 237 -21.81 -9.62 -11.27
CA LEU B 237 -21.06 -8.37 -11.36
C LEU B 237 -19.65 -8.62 -11.90
N ILE B 238 -18.97 -9.64 -11.38
CA ILE B 238 -17.65 -10.00 -11.88
C ILE B 238 -17.73 -10.44 -13.34
N THR B 239 -18.71 -11.29 -13.65
CA THR B 239 -18.92 -11.74 -15.02
C THR B 239 -19.09 -10.55 -15.95
N GLU B 240 -19.94 -9.60 -15.56
CA GLU B 240 -20.16 -8.41 -16.38
C GLU B 240 -18.87 -7.63 -16.57
N ALA B 241 -18.05 -7.52 -15.52
CA ALA B 241 -16.81 -6.76 -15.62
C ALA B 241 -15.81 -7.46 -16.53
N ILE B 242 -15.72 -8.79 -16.46
CA ILE B 242 -14.83 -9.53 -17.35
C ILE B 242 -15.23 -9.29 -18.80
N GLU B 243 -16.54 -9.25 -19.07
CA GLU B 243 -17.03 -9.05 -20.43
C GLU B 243 -16.72 -7.66 -20.93
N GLN B 244 -16.96 -6.64 -20.09
CA GLN B 244 -16.66 -5.27 -20.51
C GLN B 244 -15.19 -5.11 -20.85
N ALA B 245 -14.30 -5.83 -20.17
CA ALA B 245 -12.88 -5.76 -20.48
C ALA B 245 -12.50 -6.61 -21.69
N GLY B 246 -13.42 -7.43 -22.21
CA GLY B 246 -13.17 -8.21 -23.39
C GLY B 246 -12.41 -9.50 -23.16
N TYR B 247 -12.50 -10.07 -21.95
CA TYR B 247 -11.71 -11.25 -21.61
C TYR B 247 -12.59 -12.43 -21.18
N THR B 248 -13.87 -12.43 -21.55
CA THR B 248 -14.73 -13.56 -21.26
C THR B 248 -14.12 -14.83 -21.83
N GLY B 249 -14.01 -15.86 -21.01
CA GLY B 249 -13.39 -17.10 -21.41
C GLY B 249 -11.88 -17.13 -21.23
N LYS B 250 -11.24 -15.99 -21.02
CA LYS B 250 -9.81 -15.93 -20.76
C LYS B 250 -9.50 -15.74 -19.27
N ILE B 251 -10.49 -15.38 -18.47
CA ILE B 251 -10.30 -15.12 -17.05
C ILE B 251 -11.28 -15.96 -16.27
N LYS B 252 -10.78 -16.74 -15.30
CA LYS B 252 -11.59 -17.61 -14.47
C LYS B 252 -11.91 -16.91 -13.15
N ILE B 253 -12.72 -17.58 -12.34
CA ILE B 253 -13.21 -17.05 -11.07
C ILE B 253 -12.81 -18.01 -9.95
N ALA B 254 -12.45 -17.46 -8.80
CA ALA B 254 -12.20 -18.25 -7.60
C ALA B 254 -12.89 -17.59 -6.42
N MET B 255 -13.12 -18.37 -5.38
CA MET B 255 -13.79 -17.90 -4.18
C MET B 255 -13.03 -18.34 -2.94
N ASP B 256 -13.07 -17.48 -1.92
CA ASP B 256 -12.71 -17.83 -0.54
C ASP B 256 -13.98 -17.64 0.27
N VAL B 257 -14.65 -18.75 0.60
CA VAL B 257 -15.92 -18.64 1.30
C VAL B 257 -15.72 -18.22 2.75
N ALA B 258 -14.63 -18.64 3.37
CA ALA B 258 -14.40 -18.45 4.81
C ALA B 258 -15.65 -18.88 5.59
N SER B 259 -16.04 -20.13 5.35
CA SER B 259 -17.31 -20.62 5.89
C SER B 259 -17.27 -20.79 7.40
N SER B 260 -16.08 -20.84 8.00
CA SER B 260 -16.00 -20.89 9.46
C SER B 260 -16.73 -19.71 10.10
N GLU B 261 -16.80 -18.59 9.38
CA GLU B 261 -17.44 -17.38 9.90
C GLU B 261 -18.94 -17.55 10.08
N PHE B 262 -19.58 -18.47 9.36
CA PHE B 262 -21.02 -18.64 9.48
C PHE B 262 -21.40 -20.10 9.70
N TYR B 263 -20.53 -20.88 10.33
CA TYR B 263 -20.85 -22.25 10.71
C TYR B 263 -21.40 -22.28 12.13
N LYS B 264 -22.62 -22.76 12.28
CA LYS B 264 -23.23 -22.97 13.60
C LYS B 264 -22.97 -24.42 13.98
N ALA B 265 -21.89 -24.63 14.77
CA ALA B 265 -21.41 -25.99 15.03
C ALA B 265 -22.37 -26.81 15.88
N ASP B 266 -23.22 -26.17 16.69
CA ASP B 266 -24.14 -26.92 17.54
C ASP B 266 -25.22 -27.62 16.72
N VAL B 267 -25.66 -27.01 15.62
CA VAL B 267 -26.70 -27.60 14.77
C VAL B 267 -26.13 -28.19 13.48
N LYS B 268 -24.82 -28.06 13.25
CA LYS B 268 -24.17 -28.55 12.04
C LYS B 268 -24.82 -27.97 10.79
N LYS B 269 -25.10 -26.66 10.82
CA LYS B 269 -25.71 -25.97 9.69
C LYS B 269 -24.95 -24.69 9.42
N TYR B 270 -25.07 -24.20 8.19
CA TYR B 270 -24.39 -23.00 7.74
C TYR B 270 -25.41 -21.89 7.49
N ASP B 271 -25.13 -20.71 8.03
CA ASP B 271 -26.04 -19.57 7.98
C ASP B 271 -25.54 -18.62 6.90
N LEU B 272 -26.19 -18.64 5.74
CA LEU B 272 -25.82 -17.73 4.65
C LEU B 272 -26.33 -16.32 4.86
N ASP B 273 -27.06 -16.07 5.94
CA ASP B 273 -27.48 -14.73 6.35
C ASP B 273 -26.99 -14.44 7.76
N PHE B 274 -25.74 -14.81 8.04
CA PHE B 274 -25.20 -14.72 9.39
C PHE B 274 -25.01 -13.28 9.88
N LYS B 275 -25.19 -12.29 9.02
CA LYS B 275 -25.11 -10.89 9.43
C LYS B 275 -26.49 -10.27 9.68
N ASN B 276 -27.56 -11.05 9.60
CA ASN B 276 -28.91 -10.54 9.84
C ASN B 276 -29.63 -11.37 10.91
N LYS B 283 -33.54 -21.52 6.28
CA LYS B 283 -32.55 -20.84 5.45
C LYS B 283 -31.16 -21.41 5.70
N TRP B 284 -30.92 -21.83 6.94
CA TRP B 284 -29.64 -22.44 7.29
C TRP B 284 -29.47 -23.75 6.52
N LEU B 285 -28.23 -24.02 6.12
CA LEU B 285 -27.93 -25.11 5.20
C LEU B 285 -27.05 -26.16 5.87
N THR B 286 -27.43 -27.43 5.71
CA THR B 286 -26.50 -28.51 6.01
C THR B 286 -25.34 -28.46 5.02
N TYR B 287 -24.25 -29.18 5.34
CA TYR B 287 -23.11 -29.15 4.44
C TYR B 287 -23.45 -29.77 3.09
N GLU B 288 -24.43 -30.68 3.04
CA GLU B 288 -24.86 -31.23 1.76
C GLU B 288 -25.59 -30.18 0.94
N GLN B 289 -26.44 -29.37 1.58
CA GLN B 289 -27.13 -28.30 0.86
C GLN B 289 -26.17 -27.22 0.40
N LEU B 290 -25.18 -26.89 1.23
CA LEU B 290 -24.18 -25.91 0.82
C LEU B 290 -23.31 -26.45 -0.30
N ALA B 291 -23.02 -27.75 -0.29
CA ALA B 291 -22.29 -28.35 -1.40
C ALA B 291 -23.09 -28.27 -2.69
N ASP B 292 -24.40 -28.50 -2.61
CA ASP B 292 -25.25 -28.34 -3.78
C ASP B 292 -25.14 -26.93 -4.36
N LEU B 293 -25.07 -25.93 -3.48
CA LEU B 293 -24.96 -24.55 -3.94
C LEU B 293 -23.65 -24.32 -4.66
N TYR B 294 -22.54 -24.80 -4.09
CA TYR B 294 -21.24 -24.69 -4.79
C TYR B 294 -21.29 -25.39 -6.14
N LYS B 295 -21.83 -26.62 -6.18
CA LYS B 295 -21.91 -27.34 -7.44
C LYS B 295 -22.73 -26.57 -8.46
N SER B 296 -23.82 -25.93 -8.01
CA SER B 296 -24.64 -25.15 -8.91
C SER B 296 -23.90 -23.91 -9.40
N LEU B 297 -23.15 -23.25 -8.51
CA LEU B 297 -22.35 -22.09 -8.94
C LEU B 297 -21.24 -22.53 -9.87
N ALA B 298 -20.59 -23.66 -9.58
CA ALA B 298 -19.46 -24.12 -10.38
C ALA B 298 -19.89 -24.58 -11.77
N ALA B 299 -21.15 -25.01 -11.94
CA ALA B 299 -21.65 -25.39 -13.26
C ALA B 299 -22.16 -24.21 -14.08
N LYS B 300 -22.46 -23.10 -13.42
CA LYS B 300 -22.97 -21.90 -14.09
C LYS B 300 -21.90 -20.86 -14.34
N TYR B 301 -20.88 -20.80 -13.49
CA TYR B 301 -19.81 -19.81 -13.58
C TYR B 301 -18.47 -20.53 -13.74
N PRO B 302 -17.48 -19.88 -14.37
CA PRO B 302 -16.16 -20.52 -14.55
C PRO B 302 -15.33 -20.50 -13.26
N ILE B 303 -15.85 -21.15 -12.23
CA ILE B 303 -15.22 -21.19 -10.92
C ILE B 303 -14.25 -22.37 -10.89
N VAL B 304 -12.95 -22.08 -10.78
CA VAL B 304 -11.91 -23.10 -10.84
C VAL B 304 -11.29 -23.38 -9.49
N SER B 305 -11.69 -22.67 -8.43
CA SER B 305 -11.07 -22.85 -7.13
C SER B 305 -11.99 -22.28 -6.05
N ILE B 306 -12.22 -23.06 -5.00
CA ILE B 306 -13.04 -22.64 -3.87
C ILE B 306 -12.24 -22.89 -2.59
N GLU B 307 -12.03 -21.84 -1.81
CA GLU B 307 -11.28 -21.91 -0.57
C GLU B 307 -12.24 -21.93 0.61
N ASP B 308 -11.89 -22.72 1.62
CA ASP B 308 -12.67 -22.92 2.85
C ASP B 308 -14.16 -23.06 2.60
N PRO B 309 -14.60 -23.94 1.68
CA PRO B 309 -16.04 -24.11 1.48
C PRO B 309 -16.77 -24.63 2.70
N PHE B 310 -16.06 -25.29 3.62
CA PHE B 310 -16.65 -25.80 4.85
C PHE B 310 -15.72 -25.48 6.01
N ALA B 311 -16.25 -25.59 7.22
CA ALA B 311 -15.60 -25.01 8.39
C ALA B 311 -14.29 -25.72 8.71
N GLU B 312 -13.50 -25.08 9.58
CA GLU B 312 -12.13 -25.47 9.83
C GLU B 312 -12.00 -26.86 10.45
N ASP B 313 -13.05 -27.36 11.13
CA ASP B 313 -13.02 -28.70 11.69
C ASP B 313 -14.18 -29.56 11.19
N ASP B 314 -14.83 -29.16 10.10
CA ASP B 314 -15.92 -29.92 9.50
C ASP B 314 -15.37 -30.89 8.46
N TRP B 315 -14.49 -31.78 8.93
CA TRP B 315 -13.77 -32.68 8.03
C TRP B 315 -14.71 -33.52 7.18
N GLU B 316 -15.85 -33.92 7.74
CA GLU B 316 -16.79 -34.75 6.98
C GLU B 316 -17.31 -34.01 5.75
N ALA B 317 -17.53 -32.70 5.89
CA ALA B 317 -18.06 -31.92 4.77
C ALA B 317 -17.03 -31.79 3.65
N TRP B 318 -15.79 -31.44 4.00
CA TRP B 318 -14.73 -31.35 3.01
C TRP B 318 -14.60 -32.64 2.20
N SER B 319 -14.46 -33.78 2.90
CA SER B 319 -14.30 -35.06 2.22
C SER B 319 -15.49 -35.36 1.33
N TYR B 320 -16.71 -35.04 1.80
CA TYR B 320 -17.90 -35.22 0.99
C TYR B 320 -17.83 -34.39 -0.28
N PHE B 321 -17.30 -33.17 -0.17
CA PHE B 321 -17.19 -32.25 -1.30
C PHE B 321 -16.06 -32.66 -2.24
N TYR B 322 -14.93 -33.08 -1.67
CA TYR B 322 -13.77 -33.49 -2.45
C TYR B 322 -14.13 -34.60 -3.44
N LYS B 323 -14.97 -35.55 -3.00
CA LYS B 323 -15.23 -36.74 -3.79
C LYS B 323 -15.84 -36.42 -5.15
N THR B 324 -16.61 -35.34 -5.25
CA THR B 324 -17.35 -35.03 -6.46
C THR B 324 -16.76 -33.89 -7.28
N SER B 325 -15.74 -33.18 -6.77
CA SER B 325 -15.32 -31.91 -7.34
C SER B 325 -14.06 -32.07 -8.18
N ASP B 326 -14.13 -31.57 -9.42
CA ASP B 326 -12.96 -31.54 -10.29
C ASP B 326 -12.20 -30.21 -10.23
N PHE B 327 -12.67 -29.26 -9.45
CA PHE B 327 -12.00 -27.97 -9.33
C PHE B 327 -11.10 -27.96 -8.08
N GLN B 328 -10.36 -26.87 -7.91
CA GLN B 328 -9.48 -26.75 -6.76
C GLN B 328 -10.27 -26.48 -5.49
N ILE B 329 -9.91 -27.18 -4.42
CA ILE B 329 -10.53 -27.04 -3.11
C ILE B 329 -9.41 -26.68 -2.14
N VAL B 330 -9.41 -25.43 -1.68
CA VAL B 330 -8.26 -24.84 -0.98
C VAL B 330 -8.53 -24.81 0.52
N GLY B 331 -7.63 -25.42 1.29
CA GLY B 331 -7.69 -25.31 2.73
C GLY B 331 -7.00 -24.04 3.18
N ASP B 332 -7.67 -23.29 4.05
CA ASP B 332 -7.06 -22.13 4.71
C ASP B 332 -7.13 -22.31 6.21
N ASP B 333 -8.29 -22.01 6.80
CA ASP B 333 -8.50 -22.29 8.22
C ASP B 333 -8.45 -23.78 8.51
N LEU B 334 -8.79 -24.60 7.52
CA LEU B 334 -8.75 -26.06 7.71
C LEU B 334 -7.33 -26.53 7.97
N THR B 335 -6.37 -26.04 7.20
CA THR B 335 -5.00 -26.56 7.22
C THR B 335 -4.03 -25.66 7.98
N VAL B 336 -4.35 -24.37 8.14
CA VAL B 336 -3.52 -23.33 8.76
C VAL B 336 -2.03 -23.57 8.56
N THR B 337 -1.64 -23.90 7.32
CA THR B 337 -0.24 -24.03 6.94
C THR B 337 0.51 -24.96 7.91
N ASN B 338 -0.20 -25.96 8.44
CA ASN B 338 0.29 -26.78 9.54
C ASN B 338 0.45 -28.22 9.09
N PRO B 339 1.69 -28.73 9.00
CA PRO B 339 1.89 -30.10 8.49
C PRO B 339 1.03 -31.16 9.17
N GLY B 340 0.73 -30.98 10.46
CA GLY B 340 -0.16 -31.93 11.13
C GLY B 340 -1.57 -31.90 10.56
N ARG B 341 -2.09 -30.70 10.31
CA ARG B 341 -3.43 -30.59 9.73
C ARG B 341 -3.43 -30.96 8.26
N ILE B 342 -2.33 -30.72 7.55
CA ILE B 342 -2.22 -31.14 6.16
C ILE B 342 -2.23 -32.66 6.06
N LYS B 343 -1.48 -33.33 6.93
CA LYS B 343 -1.46 -34.79 6.92
C LYS B 343 -2.86 -35.34 7.13
N LYS B 344 -3.58 -34.80 8.11
CA LYS B 344 -4.97 -35.22 8.31
C LYS B 344 -5.80 -34.99 7.07
N ALA B 345 -5.65 -33.82 6.42
CA ALA B 345 -6.41 -33.52 5.22
C ALA B 345 -6.01 -34.42 4.05
N ILE B 346 -4.73 -34.82 3.98
CA ILE B 346 -4.33 -35.78 2.96
C ILE B 346 -4.96 -37.14 3.23
N GLU B 347 -4.92 -37.57 4.50
CA GLU B 347 -5.43 -38.90 4.85
C GLU B 347 -6.93 -39.01 4.64
N LEU B 348 -7.68 -37.96 4.99
CA LEU B 348 -9.13 -37.97 4.87
C LEU B 348 -9.62 -37.46 3.51
N LYS B 349 -8.71 -37.17 2.58
CA LYS B 349 -9.05 -36.63 1.26
C LYS B 349 -10.02 -35.47 1.37
N SER B 350 -9.61 -34.45 2.12
CA SER B 350 -10.50 -33.34 2.43
C SER B 350 -10.36 -32.17 1.47
N CYS B 351 -9.16 -31.93 0.95
CA CYS B 351 -8.92 -30.83 0.03
C CYS B 351 -7.76 -31.20 -0.88
N ASN B 352 -7.57 -30.41 -1.95
CA ASN B 352 -6.53 -30.70 -2.92
C ASN B 352 -5.60 -29.52 -3.15
N ALA B 353 -5.64 -28.50 -2.30
CA ALA B 353 -4.72 -27.39 -2.41
C ALA B 353 -4.56 -26.74 -1.05
N LEU B 354 -3.37 -26.16 -0.83
CA LEU B 354 -3.02 -25.50 0.41
C LEU B 354 -2.90 -24.00 0.18
N LEU B 355 -3.57 -23.22 1.01
CA LEU B 355 -3.30 -21.79 1.10
C LEU B 355 -2.14 -21.62 2.09
N LEU B 356 -1.00 -21.16 1.60
CA LEU B 356 0.23 -21.14 2.38
C LEU B 356 0.43 -19.74 2.95
N LYS B 357 0.26 -19.62 4.27
CA LYS B 357 0.47 -18.39 5.01
C LYS B 357 1.65 -18.62 5.95
N VAL B 358 2.81 -18.03 5.62
CA VAL B 358 4.04 -18.34 6.36
C VAL B 358 3.89 -18.02 7.84
N ASN B 359 3.14 -16.97 8.20
CA ASN B 359 3.02 -16.64 9.61
C ASN B 359 1.97 -17.47 10.33
N GLN B 360 1.28 -18.38 9.63
CA GLN B 360 0.45 -19.35 10.33
C GLN B 360 1.28 -20.47 10.95
N ILE B 361 2.52 -20.67 10.51
CA ILE B 361 3.34 -21.75 11.05
C ILE B 361 4.58 -21.15 11.70
N GLY B 362 5.10 -20.07 11.12
CA GLY B 362 6.02 -19.19 11.83
C GLY B 362 7.49 -19.29 11.47
N THR B 363 7.89 -20.21 10.59
CA THR B 363 9.26 -20.20 10.07
C THR B 363 9.20 -20.50 8.58
N LEU B 364 10.26 -20.10 7.86
CA LEU B 364 10.32 -20.41 6.44
C LEU B 364 10.47 -21.91 6.20
N THR B 365 11.28 -22.59 7.02
CA THR B 365 11.49 -24.02 6.81
C THR B 365 10.19 -24.79 6.99
N GLU B 366 9.45 -24.49 8.05
CA GLU B 366 8.17 -25.17 8.25
C GLU B 366 7.17 -24.84 7.16
N SER B 367 7.23 -23.61 6.62
CA SER B 367 6.38 -23.25 5.49
C SER B 367 6.75 -24.05 4.25
N ILE B 368 8.05 -24.23 4.00
CA ILE B 368 8.48 -25.01 2.84
C ILE B 368 8.07 -26.46 3.02
N GLN B 369 8.18 -26.99 4.25
CA GLN B 369 7.76 -28.35 4.51
C GLN B 369 6.27 -28.52 4.26
N ALA B 370 5.47 -27.53 4.66
CA ALA B 370 4.03 -27.60 4.41
C ALA B 370 3.73 -27.66 2.91
N ALA B 371 4.44 -26.85 2.11
CA ALA B 371 4.30 -26.93 0.67
C ALA B 371 4.74 -28.29 0.14
N LYS B 372 5.89 -28.77 0.60
CA LYS B 372 6.39 -30.08 0.17
C LYS B 372 5.39 -31.18 0.49
N ASP B 373 4.85 -31.17 1.71
CA ASP B 373 3.87 -32.19 2.10
C ASP B 373 2.63 -32.13 1.23
N SER B 374 2.23 -30.92 0.82
CA SER B 374 1.10 -30.77 -0.08
C SER B 374 1.44 -31.28 -1.48
N TYR B 375 2.61 -30.91 -1.99
CA TYR B 375 3.03 -31.40 -3.30
C TYR B 375 3.08 -32.93 -3.34
N ALA B 376 3.43 -33.56 -2.22
CA ALA B 376 3.55 -35.02 -2.19
C ALA B 376 2.21 -35.70 -2.47
N ASP B 377 1.09 -35.02 -2.18
CA ASP B 377 -0.23 -35.53 -2.50
C ASP B 377 -0.82 -34.88 -3.75
N ASN B 378 0.05 -34.34 -4.61
CA ASN B 378 -0.37 -33.66 -5.84
C ASN B 378 -1.29 -32.48 -5.56
N TRP B 379 -1.12 -31.82 -4.41
CA TRP B 379 -1.87 -30.62 -4.13
C TRP B 379 -1.34 -29.43 -4.92
N GLY B 380 -2.23 -28.51 -5.24
CA GLY B 380 -1.80 -27.16 -5.55
C GLY B 380 -1.40 -26.42 -4.28
N VAL B 381 -0.59 -25.38 -4.46
CA VAL B 381 -0.17 -24.54 -3.34
C VAL B 381 -0.32 -23.09 -3.76
N MET B 382 -1.11 -22.33 -3.01
CA MET B 382 -1.36 -20.93 -3.30
C MET B 382 -0.76 -20.11 -2.16
N VAL B 383 0.42 -19.55 -2.40
CA VAL B 383 1.04 -18.65 -1.44
C VAL B 383 0.16 -17.44 -1.24
N SER B 384 -0.06 -17.06 0.01
CA SER B 384 -1.10 -16.10 0.36
C SER B 384 -0.56 -14.97 1.23
N HIS B 385 -1.11 -13.80 1.00
CA HIS B 385 -0.96 -12.66 1.89
C HIS B 385 -1.80 -12.86 3.16
N ARG B 386 -1.66 -11.95 4.10
CA ARG B 386 -2.63 -11.79 5.18
C ARG B 386 -3.44 -10.53 4.94
N SER B 387 -4.57 -10.42 5.65
CA SER B 387 -5.37 -9.21 5.49
C SER B 387 -4.66 -7.99 6.04
N GLY B 388 -3.74 -8.18 6.99
CA GLY B 388 -2.86 -7.11 7.39
C GLY B 388 -1.49 -7.28 6.75
N GLU B 389 -1.25 -6.58 5.65
CA GLU B 389 -0.01 -6.74 4.89
C GLU B 389 0.88 -5.52 5.07
N THR B 390 2.06 -5.59 4.47
CA THR B 390 3.04 -4.52 4.53
C THR B 390 3.68 -4.33 3.17
N GLU B 391 4.61 -3.37 3.08
CA GLU B 391 5.40 -3.16 1.87
C GLU B 391 6.38 -4.29 1.60
N ASP B 392 6.47 -5.27 2.50
CA ASP B 392 7.36 -6.41 2.31
C ASP B 392 6.86 -7.29 1.17
N VAL B 393 7.79 -7.80 0.36
CA VAL B 393 7.42 -8.56 -0.83
C VAL B 393 7.96 -10.00 -0.79
N THR B 394 8.25 -10.52 0.41
CA THR B 394 8.88 -11.82 0.52
C THR B 394 8.04 -12.92 -0.13
N ILE B 395 6.72 -12.86 0.02
CA ILE B 395 5.89 -13.95 -0.48
C ILE B 395 5.89 -14.02 -2.00
N ALA B 396 6.23 -12.91 -2.68
CA ALA B 396 6.44 -12.99 -4.12
C ALA B 396 7.58 -13.93 -4.44
N ASP B 397 8.71 -13.78 -3.73
CA ASP B 397 9.82 -14.70 -3.90
C ASP B 397 9.48 -16.10 -3.41
N ILE B 398 8.64 -16.21 -2.38
CA ILE B 398 8.23 -17.53 -1.91
C ILE B 398 7.40 -18.24 -2.96
N ALA B 399 6.47 -17.52 -3.61
CA ALA B 399 5.65 -18.14 -4.64
C ALA B 399 6.50 -18.61 -5.82
N VAL B 400 7.46 -17.79 -6.25
CA VAL B 400 8.32 -18.20 -7.36
C VAL B 400 9.25 -19.34 -6.92
N GLY B 401 9.83 -19.22 -5.72
CA GLY B 401 10.78 -20.23 -5.28
C GLY B 401 10.15 -21.60 -5.09
N LEU B 402 8.90 -21.62 -4.62
CA LEU B 402 8.17 -22.87 -4.42
C LEU B 402 7.61 -23.45 -5.70
N ARG B 403 7.75 -22.73 -6.83
CA ARG B 403 7.20 -23.16 -8.11
C ARG B 403 5.71 -23.45 -7.98
N SER B 404 5.03 -22.64 -7.17
CA SER B 404 3.64 -22.92 -6.83
C SER B 404 2.68 -22.61 -7.97
N GLY B 405 3.04 -21.66 -8.84
CA GLY B 405 2.16 -21.28 -9.93
C GLY B 405 0.91 -20.53 -9.52
N GLN B 406 0.70 -20.28 -8.22
CA GLN B 406 -0.46 -19.54 -7.75
C GLN B 406 -0.04 -18.64 -6.60
N ILE B 407 -0.51 -17.41 -6.62
CA ILE B 407 -0.33 -16.50 -5.50
C ILE B 407 -1.65 -15.77 -5.25
N LYS B 408 -1.98 -15.59 -3.98
CA LYS B 408 -3.14 -14.81 -3.56
C LYS B 408 -2.62 -13.60 -2.78
N THR B 409 -2.59 -12.43 -3.41
CA THR B 409 -2.01 -11.27 -2.74
C THR B 409 -2.82 -10.01 -2.96
N GLY B 410 -4.11 -10.14 -3.23
CA GLY B 410 -5.06 -9.04 -3.16
C GLY B 410 -5.58 -8.63 -4.52
N ALA B 411 -6.52 -7.68 -4.47
CA ALA B 411 -6.92 -6.95 -5.65
C ALA B 411 -5.73 -6.17 -6.20
N PRO B 412 -5.80 -5.75 -7.47
CA PRO B 412 -4.76 -4.84 -8.00
C PRO B 412 -4.94 -3.41 -7.49
N CYS B 413 -4.91 -3.27 -6.16
CA CYS B 413 -5.22 -2.01 -5.49
C CYS B 413 -4.66 -2.09 -4.08
N ARG B 414 -4.10 -0.95 -3.60
CA ARG B 414 -3.36 -0.85 -2.35
C ARG B 414 -1.97 -1.48 -2.52
N SER B 415 -0.93 -0.74 -2.19
CA SER B 415 0.42 -1.17 -2.53
C SER B 415 0.95 -2.28 -1.64
N GLU B 416 0.35 -2.53 -0.48
CA GLU B 416 0.70 -3.77 0.22
C GLU B 416 0.29 -4.99 -0.60
N ARG B 417 -0.63 -4.82 -1.54
CA ARG B 417 -0.96 -5.90 -2.48
C ARG B 417 -0.10 -5.80 -3.74
N LEU B 418 0.02 -4.61 -4.31
CA LEU B 418 0.65 -4.49 -5.62
C LEU B 418 2.17 -4.65 -5.53
N ALA B 419 2.76 -4.34 -4.39
CA ALA B 419 4.21 -4.49 -4.25
C ALA B 419 4.63 -5.93 -4.53
N LYS B 420 3.81 -6.91 -4.12
CA LYS B 420 4.09 -8.30 -4.43
C LYS B 420 4.02 -8.54 -5.93
N LEU B 421 2.97 -8.03 -6.58
CA LEU B 421 2.84 -8.16 -8.03
C LEU B 421 3.98 -7.47 -8.75
N ASN B 422 4.34 -6.25 -8.31
CA ASN B 422 5.46 -5.54 -8.92
C ASN B 422 6.75 -6.34 -8.78
N GLN B 423 6.95 -6.98 -7.63
CA GLN B 423 8.14 -7.80 -7.44
C GLN B 423 8.18 -8.96 -8.43
N ILE B 424 7.04 -9.60 -8.69
CA ILE B 424 7.02 -10.67 -9.67
C ILE B 424 7.28 -10.12 -11.07
N LEU B 425 6.82 -8.89 -11.36
CA LEU B 425 7.17 -8.27 -12.64
C LEU B 425 8.68 -8.12 -12.78
N ARG B 426 9.36 -7.73 -11.69
CA ARG B 426 10.81 -7.61 -11.73
C ARG B 426 11.47 -8.97 -11.94
N ILE B 427 10.98 -9.99 -11.23
CA ILE B 427 11.50 -11.34 -11.39
C ILE B 427 11.25 -11.86 -12.81
N GLU B 428 10.05 -11.63 -13.33
CA GLU B 428 9.71 -12.01 -14.69
C GLU B 428 10.72 -11.42 -15.67
N GLU B 429 10.93 -10.10 -15.60
CA GLU B 429 11.86 -9.43 -16.50
C GLU B 429 13.28 -9.92 -16.30
N GLU B 430 13.68 -10.16 -15.05
CA GLU B 430 15.03 -10.61 -14.75
C GLU B 430 15.31 -11.99 -15.31
N LEU B 431 14.32 -12.88 -15.26
CA LEU B 431 14.56 -14.26 -15.63
C LEU B 431 14.41 -14.49 -17.14
N GLY B 432 13.60 -13.68 -17.81
CA GLY B 432 13.42 -13.84 -19.24
C GLY B 432 12.94 -15.23 -19.58
N GLU B 433 13.75 -15.95 -20.38
CA GLU B 433 13.36 -17.27 -20.85
C GLU B 433 13.50 -18.34 -19.78
N ASN B 434 14.26 -18.09 -18.71
CA ASN B 434 14.37 -19.04 -17.61
C ASN B 434 13.15 -19.02 -16.67
N ALA B 435 12.05 -18.42 -17.11
CA ALA B 435 10.80 -18.45 -16.34
C ALA B 435 9.63 -18.57 -17.31
N VAL B 436 8.63 -19.36 -16.92
CA VAL B 436 7.42 -19.53 -17.70
C VAL B 436 6.23 -19.26 -16.80
N TYR B 437 5.16 -18.73 -17.40
CA TYR B 437 3.95 -18.44 -16.65
C TYR B 437 3.14 -19.72 -16.43
N ALA B 438 2.64 -19.88 -15.20
CA ALA B 438 1.92 -21.11 -14.86
C ALA B 438 0.68 -21.28 -15.74
N GLY B 439 -0.03 -20.19 -16.00
CA GLY B 439 -1.18 -20.26 -16.89
C GLY B 439 -2.24 -21.22 -16.37
N SER B 440 -2.86 -21.95 -17.30
CA SER B 440 -3.95 -22.85 -16.96
C SER B 440 -3.50 -24.07 -16.16
N LYS B 441 -2.20 -24.26 -15.97
CA LYS B 441 -1.68 -25.41 -15.24
C LYS B 441 -1.29 -25.06 -13.81
N PHE B 442 -1.95 -24.06 -13.21
CA PHE B 442 -1.54 -23.58 -11.89
C PHE B 442 -1.68 -24.66 -10.83
N ARG B 443 -2.62 -25.59 -10.99
CA ARG B 443 -2.83 -26.63 -9.99
C ARG B 443 -1.65 -27.59 -9.93
N THR B 444 -0.91 -27.74 -11.02
CA THR B 444 0.20 -28.68 -11.11
C THR B 444 1.51 -28.01 -11.49
N ALA B 445 1.64 -26.71 -11.22
CA ALA B 445 2.77 -25.94 -11.73
C ALA B 445 4.11 -26.42 -11.19
N VAL B 446 4.12 -27.09 -10.03
CA VAL B 446 5.37 -27.55 -9.46
C VAL B 446 6.03 -28.58 -10.37
N ASN B 447 5.25 -29.30 -11.18
CA ASN B 447 5.77 -30.29 -12.11
C ASN B 447 5.58 -29.87 -13.56
N LEU B 448 5.10 -28.67 -13.80
CA LEU B 448 4.86 -28.16 -15.14
C LEU B 448 6.11 -28.27 -16.02
#